data_6V4U
#
_entry.id   6V4U
#
_cell.length_a   1.00
_cell.length_b   1.00
_cell.length_c   1.00
_cell.angle_alpha   90.00
_cell.angle_beta   90.00
_cell.angle_gamma   90.00
#
_symmetry.space_group_name_H-M   'P 1'
#
loop_
_entity.id
_entity.type
_entity.pdbx_description
1 polymer 'WD repeat-containing protein 41'
2 polymer 'Guanine nucleotide exchange C9orf72'
3 polymer 'Guanine nucleotide exchange protein SMCR8'
#
loop_
_entity_poly.entity_id
_entity_poly.type
_entity_poly.pdbx_seq_one_letter_code
_entity_poly.pdbx_strand_id
1 'polypeptide(L)'
;MLRWLIGGGREPQGLAEKSPLQTIGEEQTQNPYTELLVLKAHHDIVRFLVQLDDYRFASAGDDGIVVVWNAQTGEKLLEL
NGHTQKITAIITFPSLESCEEKNQLILTASADRTVIVWDGDTTRQVQRISCFQSTVKCLTVLQRLDVWLSGGNDLCVWNR
KLDLLCKTSHLSDTGISALVEIPKNCVVAAVGKELIIFRLVAPTEGSLEWDILEVKRLLDHQDNILSLINVNDLSFVTGS
HVGELIIWDALDWTMQAYERNFWDPSPQLDTQQEIKLCQKSNDISIHHFTCDEENVFAAVGRGLYVYSLQMKRVIACQKT
AHDSNVLHVARLPNRQLISCSEDGSVRIWELREKQQLAAEPVPTGFFNMWGFGRVSKQASQPVKKQQENATSCSLELIGD
LIGHSSSVEMFLYFEDHGLVTCSADHLIILWKNGERESGLRSLRLFQKLEENGDLYLAV
;
C
2 'polypeptide(L)'
;MSTLCPPPSPAVAKTEIALSGKSPLLAATFAYWDNILGPRVRHIWAPKTEQVLLSDGEITFLANHTLNGEILRNAESGAI
DVKFFVLSEKGVIIVSLIFDGNWNGDRSTYGLSIILPQTELSFYLPLHRVCVDRLTHIIRKGRIWMHKERQENVQKIILE
GTERMEDQGQSIIPMLTGEVIPVMELLSSMKSHSVPEEIDIADTVLNDDDIGDSCHEGFLLNAISSHLQTCGCSVVVGSS
AEKVNKIVRTLCLFLTPAERKCSRLCEAESSFKYESGLFVQGLLKDSTGSFVLPFRQVMYAPYPTTHIDVDVNTVKQMPP
CHEHIYNQRRYMRSELTAFWRATSEEDMAQDTIIYTDESFTPDLNIFQDVLHRDTLVKAFLDQVFQLKPGLSLRSTFLAQ
FLLVLHRKALTLIKYIEDDTQKGKKPFKSLRNLKIDLDLTAEGDLNIIMALAEKIKPGLHSFIFGRPFYTSVQERDVLMT
F
;
A
3 'polypeptide(L)'
;MISAPDVVAFTKEEEYEEEPYNEPALPEEYSVPLFPFASQGANPWSKLSGAKFSRDFILISEFSEQVGPQPLLTIPNDTK
VFGTFDLNYFSLRIMSVDYQASFVGHPPGSAYPKLNFVEDSKVVLGDSKEGAFAYVHHLTLYDLEARGFVRPFCMAYISA
DQHKIMQQFQELSAEFSRASECLKTGNRKAFAGELEKKLKDLDYTRTVLHTETEIQKKANDKGFYSSQAIEKANELASVE
KSIIEHQDLLKQIRSYPHRKLKGHDLCPGEMEHIQDQASQASTTSNPDESADTDLYTCRPAYTPKLIKAKSTKCFDKKLK
TLEELCDTEYFTQTLAQLSHIEHMFRGDLCYLLTSQIDRALLKQQHITNFLFEDFVEVDDRMVEKQESIPSKPSQDRPPS
SSLEECPIPKVLISVGSYKSSVESVLIKMEQELGDEEYKEVEVTELSSFDPQENLDYLDMDMKGSISSGESIEVLGTEKS
TSVLSKSDSQASLTVPLSPQVVRSKAVSHRTISEDSIEVLSTCPSEALIPDDFKASYPSAINEEESYPDGNEGAIRFQAS
ISPPELGETEEGSIENTPSQIDSSCCIGKESDGQLVLPSTPAHTHSDEDGVVSSPPQRHRQKDQGFRVDFSVENANPSSR
DNSCEGFPAYELDPSHLLASRDISKTSLDNYSDTTSYVSSVASTSSDRIPSAYPAGLSSDRHKKRAGQNALKFIRQYPFA
HPAIYSLLSGRTLVVLGEDEAIVRKLVTALAIFVPSYGCYAKPVKHWASSPLHIMDFQKWKLIGLQRVASPAGAGTLHAL
SRYSRYTSILDLDNKTLRCPLYRGTLVPRLADHRTQIKRGSTYYLHVQSMLTQLCSKAFLYTFCHHLHLPTHDKETEELV
ASRQMSFLKLTLGLVNEDVRVVQYLAELLKLHYMQESPGTSHPMLRFDYVPSFLYKI
;
B
#
# COMPACT_ATOMS: atom_id res chain seq x y z
N THR A 34 -16.52 -22.42 3.84
CA THR A 34 -16.17 -21.40 2.87
C THR A 34 -15.06 -21.87 1.94
N GLU A 35 -14.81 -21.12 0.87
CA GLU A 35 -13.77 -21.50 -0.08
C GLU A 35 -12.39 -21.26 0.52
N LEU A 36 -11.46 -22.15 0.18
CA LEU A 36 -10.10 -22.08 0.69
C LEU A 36 -9.08 -21.69 -0.38
N LEU A 37 -9.05 -22.42 -1.50
CA LEU A 37 -8.07 -22.16 -2.53
C LEU A 37 -8.52 -22.81 -3.83
N VAL A 38 -8.31 -22.10 -4.95
CA VAL A 38 -8.59 -22.62 -6.28
C VAL A 38 -7.26 -22.89 -6.96
N LEU A 39 -7.11 -24.11 -7.49
CA LEU A 39 -5.86 -24.55 -8.10
C LEU A 39 -6.06 -24.84 -9.58
N LYS A 40 -5.04 -24.52 -10.37
CA LYS A 40 -5.02 -24.81 -11.79
C LYS A 40 -4.14 -26.01 -12.03
N ALA A 41 -4.75 -27.15 -12.38
CA ALA A 41 -4.03 -28.41 -12.51
C ALA A 41 -3.47 -28.59 -13.92
N HIS A 42 -4.35 -28.64 -14.92
CA HIS A 42 -3.94 -28.87 -16.30
C HIS A 42 -4.85 -28.06 -17.22
N HIS A 43 -4.77 -28.36 -18.51
CA HIS A 43 -5.63 -27.72 -19.51
C HIS A 43 -6.55 -28.71 -20.21
N ASP A 44 -6.55 -29.98 -19.79
CA ASP A 44 -7.39 -31.00 -20.40
C ASP A 44 -8.18 -31.75 -19.34
N ILE A 45 -8.84 -32.85 -19.73
CA ILE A 45 -9.65 -33.60 -18.79
C ILE A 45 -8.77 -34.29 -17.75
N VAL A 46 -9.38 -34.62 -16.63
CA VAL A 46 -8.70 -35.31 -15.52
C VAL A 46 -9.67 -36.33 -14.93
N ARG A 47 -9.14 -37.50 -14.59
CA ARG A 47 -9.98 -38.61 -14.14
C ARG A 47 -10.21 -38.58 -12.62
N PHE A 48 -9.14 -38.65 -11.84
CA PHE A 48 -9.26 -38.70 -10.38
C PHE A 48 -7.92 -38.34 -9.77
N LEU A 49 -7.86 -38.40 -8.44
CA LEU A 49 -6.63 -38.12 -7.71
C LEU A 49 -6.74 -38.76 -6.33
N VAL A 50 -5.80 -39.65 -6.01
CA VAL A 50 -5.76 -40.33 -4.72
C VAL A 50 -4.32 -40.43 -4.25
N GLN A 51 -4.14 -40.50 -2.94
CA GLN A 51 -2.84 -40.74 -2.32
C GLN A 51 -3.06 -41.07 -0.85
N LEU A 52 -2.08 -41.76 -0.26
CA LEU A 52 -2.21 -42.23 1.11
C LEU A 52 -2.06 -41.10 2.13
N ASP A 53 -1.32 -40.05 1.80
CA ASP A 53 -1.11 -38.95 2.72
C ASP A 53 -2.10 -37.83 2.46
N ASP A 54 -2.30 -36.99 3.48
CA ASP A 54 -3.22 -35.86 3.38
C ASP A 54 -2.57 -34.59 2.86
N TYR A 55 -1.24 -34.50 2.91
CA TYR A 55 -0.52 -33.33 2.43
C TYR A 55 -0.10 -33.45 0.97
N ARG A 56 -0.46 -34.54 0.29
CA ARG A 56 -0.10 -34.74 -1.10
C ARG A 56 -1.23 -35.45 -1.82
N PHE A 57 -1.45 -35.07 -3.09
CA PHE A 57 -2.44 -35.71 -3.93
C PHE A 57 -2.03 -35.54 -5.39
N ALA A 58 -1.99 -36.64 -6.12
CA ALA A 58 -1.55 -36.65 -7.51
C ALA A 58 -2.72 -36.92 -8.42
N SER A 59 -2.91 -36.05 -9.42
CA SER A 59 -4.00 -36.20 -10.37
C SER A 59 -3.63 -37.17 -11.48
N ALA A 60 -4.60 -37.45 -12.34
CA ALA A 60 -4.40 -38.35 -13.48
C ALA A 60 -5.46 -38.06 -14.53
N GLY A 61 -5.01 -37.79 -15.75
CA GLY A 61 -5.92 -37.50 -16.84
C GLY A 61 -5.44 -38.03 -18.17
N ASP A 62 -5.95 -37.46 -19.27
CA ASP A 62 -5.53 -37.87 -20.60
C ASP A 62 -4.15 -37.36 -20.98
N ASP A 63 -3.57 -36.45 -20.20
CA ASP A 63 -2.26 -35.92 -20.51
C ASP A 63 -1.15 -36.93 -20.24
N GLY A 64 -1.40 -37.92 -19.40
CA GLY A 64 -0.39 -38.92 -19.07
C GLY A 64 0.72 -38.43 -18.18
N ILE A 65 0.59 -37.24 -17.58
CA ILE A 65 1.59 -36.70 -16.68
C ILE A 65 1.01 -36.66 -15.27
N VAL A 66 1.90 -36.78 -14.29
CA VAL A 66 1.51 -36.81 -12.88
C VAL A 66 2.14 -35.61 -12.18
N VAL A 67 1.36 -34.93 -11.36
CA VAL A 67 1.83 -33.78 -10.60
C VAL A 67 1.14 -33.77 -9.25
N VAL A 68 1.91 -33.50 -8.21
CA VAL A 68 1.41 -33.50 -6.84
C VAL A 68 1.29 -32.04 -6.36
N TRP A 69 0.57 -31.86 -5.26
CA TRP A 69 0.38 -30.55 -4.65
C TRP A 69 0.41 -30.71 -3.13
N ASN A 70 0.00 -29.66 -2.43
CA ASN A 70 -0.08 -29.66 -0.98
C ASN A 70 -1.43 -29.09 -0.56
N ALA A 71 -1.97 -29.63 0.53
CA ALA A 71 -3.29 -29.24 0.97
C ALA A 71 -3.28 -27.87 1.65
N GLN A 72 -2.24 -27.58 2.44
CA GLN A 72 -2.22 -26.33 3.20
C GLN A 72 -1.68 -25.16 2.40
N THR A 73 -0.82 -25.42 1.41
CA THR A 73 -0.22 -24.35 0.61
C THR A 73 -0.84 -24.28 -0.79
N GLY A 74 -0.81 -25.37 -1.54
CA GLY A 74 -1.49 -25.43 -2.81
C GLY A 74 -0.66 -25.01 -4.02
N GLU A 75 0.50 -25.62 -4.20
CA GLU A 75 1.31 -25.40 -5.40
C GLU A 75 1.94 -26.72 -5.83
N LYS A 76 2.46 -26.72 -7.06
CA LYS A 76 3.08 -27.91 -7.63
C LYS A 76 4.39 -28.21 -6.90
N LEU A 77 4.41 -29.29 -6.13
CA LEU A 77 5.63 -29.67 -5.43
C LEU A 77 6.61 -30.34 -6.37
N LEU A 78 6.20 -31.42 -7.03
CA LEU A 78 7.02 -32.14 -7.99
C LEU A 78 6.25 -32.27 -9.30
N GLU A 79 6.86 -32.96 -10.26
CA GLU A 79 6.25 -33.16 -11.57
C GLU A 79 6.79 -34.46 -12.17
N LEU A 80 5.89 -35.22 -12.77
CA LEU A 80 6.24 -36.50 -13.39
C LEU A 80 5.68 -36.52 -14.81
N ASN A 81 6.57 -36.66 -15.80
CA ASN A 81 6.17 -36.69 -17.20
C ASN A 81 6.92 -37.83 -17.89
N GLY A 82 6.45 -38.17 -19.10
CA GLY A 82 7.06 -39.23 -19.87
C GLY A 82 6.05 -40.10 -20.59
N HIS A 83 4.76 -39.81 -20.39
CA HIS A 83 3.70 -40.56 -21.03
C HIS A 83 2.60 -39.61 -21.47
N THR A 84 1.89 -39.99 -22.53
CA THR A 84 0.80 -39.18 -23.07
C THR A 84 -0.48 -39.97 -23.27
N GLN A 85 -0.58 -41.17 -22.69
CA GLN A 85 -1.76 -42.00 -22.83
C GLN A 85 -2.68 -41.81 -21.62
N LYS A 86 -3.75 -42.60 -21.57
CA LYS A 86 -4.70 -42.52 -20.47
C LYS A 86 -4.15 -43.24 -19.24
N ILE A 87 -4.11 -42.54 -18.11
CA ILE A 87 -3.61 -43.08 -16.86
C ILE A 87 -4.77 -43.14 -15.87
N THR A 88 -5.18 -44.35 -15.51
CA THR A 88 -6.30 -44.56 -14.60
C THR A 88 -5.99 -45.68 -13.60
N ALA A 89 -4.73 -45.89 -13.26
CA ALA A 89 -4.31 -46.99 -12.40
C ALA A 89 -3.32 -46.49 -11.35
N ILE A 90 -3.84 -46.02 -10.22
CA ILE A 90 -3.02 -45.66 -9.08
C ILE A 90 -3.87 -45.68 -7.82
N ILE A 91 -3.42 -46.38 -6.78
CA ILE A 91 -4.13 -46.37 -5.50
C ILE A 91 -3.21 -45.97 -4.37
N THR A 92 -2.20 -46.81 -4.09
CA THR A 92 -1.33 -46.66 -2.93
C THR A 92 -0.22 -47.71 -2.98
N PHE A 93 0.98 -47.37 -2.52
CA PHE A 93 2.06 -48.36 -2.48
C PHE A 93 1.93 -49.32 -1.30
N PRO A 94 1.84 -48.83 -0.04
CA PRO A 94 1.67 -49.85 1.00
C PRO A 94 0.21 -50.30 1.15
N ASN A 103 9.88 -45.54 1.50
CA ASN A 103 9.08 -44.32 1.65
C ASN A 103 7.88 -44.32 0.70
N GLN A 104 7.40 -43.13 0.36
CA GLN A 104 6.21 -42.96 -0.48
C GLN A 104 6.62 -42.60 -1.89
N LEU A 105 6.01 -43.26 -2.88
CA LEU A 105 6.32 -43.03 -4.28
C LEU A 105 5.04 -42.74 -5.06
N ILE A 106 5.13 -42.69 -6.39
CA ILE A 106 3.97 -42.53 -7.25
C ILE A 106 4.11 -43.49 -8.43
N LEU A 107 3.07 -44.28 -8.67
CA LEU A 107 3.03 -45.20 -9.80
C LEU A 107 1.77 -44.96 -10.61
N THR A 108 1.83 -45.32 -11.90
CA THR A 108 0.67 -45.20 -12.76
C THR A 108 0.89 -46.07 -13.99
N ALA A 109 -0.22 -46.56 -14.55
CA ALA A 109 -0.21 -47.38 -15.76
C ALA A 109 -0.91 -46.63 -16.88
N SER A 110 -0.20 -46.41 -17.97
CA SER A 110 -0.75 -45.71 -19.12
C SER A 110 -1.57 -46.67 -19.98
N ALA A 111 -1.97 -46.22 -21.17
CA ALA A 111 -2.77 -47.02 -22.07
C ALA A 111 -1.97 -47.60 -23.23
N ASP A 112 -0.64 -47.52 -23.17
CA ASP A 112 0.22 -48.06 -24.22
C ASP A 112 0.81 -49.41 -23.84
N ARG A 113 0.05 -50.23 -23.10
CA ARG A 113 0.45 -51.59 -22.74
C ARG A 113 1.73 -51.60 -21.92
N THR A 114 1.85 -50.68 -20.98
CA THR A 114 2.99 -50.64 -20.08
C THR A 114 2.62 -49.85 -18.84
N VAL A 115 3.42 -50.04 -17.78
CA VAL A 115 3.24 -49.34 -16.52
C VAL A 115 4.55 -48.68 -16.13
N ILE A 116 4.48 -47.45 -15.64
CA ILE A 116 5.66 -46.68 -15.26
C ILE A 116 5.59 -46.40 -13.77
N VAL A 117 6.76 -46.38 -13.12
CA VAL A 117 6.86 -46.13 -11.69
C VAL A 117 7.76 -44.92 -11.47
N TRP A 118 7.38 -44.06 -10.53
CA TRP A 118 8.15 -42.87 -10.21
C TRP A 118 8.41 -42.79 -8.71
N ASP A 119 8.99 -41.68 -8.25
CA ASP A 119 9.28 -41.46 -6.85
C ASP A 119 8.78 -40.10 -6.43
N GLY A 120 8.46 -39.98 -5.14
CA GLY A 120 7.97 -38.75 -4.55
C GLY A 120 9.02 -37.86 -3.95
N ASP A 121 10.31 -38.18 -4.11
CA ASP A 121 11.39 -37.38 -3.56
C ASP A 121 12.49 -37.04 -4.56
N THR A 122 12.61 -37.78 -5.67
CA THR A 122 13.63 -37.52 -6.66
C THR A 122 13.09 -37.37 -8.08
N THR A 123 11.76 -37.47 -8.26
CA THR A 123 11.05 -37.33 -9.53
C THR A 123 11.80 -37.93 -10.70
N ARG A 124 12.38 -39.12 -10.51
CA ARG A 124 13.14 -39.80 -11.54
C ARG A 124 12.62 -41.22 -11.71
N GLN A 125 12.70 -41.71 -12.94
CA GLN A 125 12.26 -43.07 -13.24
C GLN A 125 13.22 -44.08 -12.64
N VAL A 126 12.68 -45.09 -11.97
CA VAL A 126 13.49 -46.12 -11.33
C VAL A 126 13.34 -47.49 -11.98
N GLN A 127 12.16 -47.86 -12.48
CA GLN A 127 11.97 -49.07 -13.26
C GLN A 127 10.97 -48.81 -14.37
N ARG A 128 10.79 -49.82 -15.22
CA ARG A 128 9.85 -49.72 -16.34
C ARG A 128 9.45 -51.14 -16.76
N ILE A 129 8.15 -51.41 -16.75
CA ILE A 129 7.62 -52.73 -17.09
C ILE A 129 6.72 -52.58 -18.31
N SER A 130 7.08 -53.27 -19.40
CA SER A 130 6.32 -53.27 -20.64
C SER A 130 6.19 -54.71 -21.14
N CYS A 131 5.14 -55.40 -20.72
CA CYS A 131 4.92 -56.78 -21.14
C CYS A 131 3.47 -57.09 -21.44
N PHE A 132 2.54 -56.17 -21.22
CA PHE A 132 1.13 -56.44 -21.44
C PHE A 132 0.76 -56.12 -22.89
N GLN A 133 -0.43 -56.55 -23.31
CA GLN A 133 -0.82 -56.49 -24.71
C GLN A 133 -1.93 -55.50 -25.01
N SER A 134 -2.55 -54.88 -24.01
CA SER A 134 -3.64 -53.94 -24.24
C SER A 134 -3.61 -52.89 -23.14
N THR A 135 -4.73 -52.19 -22.95
CA THR A 135 -4.81 -51.18 -21.91
C THR A 135 -4.96 -51.82 -20.54
N VAL A 136 -4.71 -51.04 -19.50
CA VAL A 136 -4.84 -51.48 -18.12
C VAL A 136 -5.97 -50.69 -17.48
N LYS A 137 -6.96 -51.41 -16.94
CA LYS A 137 -8.15 -50.75 -16.40
C LYS A 137 -7.88 -50.14 -15.03
N CYS A 138 -7.51 -50.97 -14.06
CA CYS A 138 -7.28 -50.51 -12.69
C CYS A 138 -6.12 -51.28 -12.08
N LEU A 139 -5.57 -50.70 -11.01
CA LEU A 139 -4.46 -51.30 -10.28
C LEU A 139 -4.73 -51.18 -8.79
N THR A 140 -4.35 -52.21 -8.04
CA THR A 140 -4.57 -52.24 -6.60
C THR A 140 -3.33 -52.83 -5.93
N VAL A 141 -3.37 -52.91 -4.60
CA VAL A 141 -2.26 -53.44 -3.81
C VAL A 141 -2.84 -54.17 -2.61
N LEU A 142 -2.10 -55.16 -2.12
CA LEU A 142 -2.49 -55.93 -0.95
C LEU A 142 -1.60 -55.54 0.22
N GLN A 143 -2.22 -55.27 1.37
CA GLN A 143 -1.47 -54.85 2.55
C GLN A 143 -0.83 -56.04 3.24
N ARG A 144 0.26 -55.77 3.96
CA ARG A 144 1.02 -56.75 4.73
C ARG A 144 1.63 -57.85 3.86
N LEU A 145 1.57 -57.70 2.54
CA LEU A 145 2.15 -58.66 1.60
C LEU A 145 3.07 -57.92 0.63
N ASP A 146 3.63 -58.67 -0.31
CA ASP A 146 4.50 -58.12 -1.35
C ASP A 146 3.90 -58.51 -2.68
N VAL A 147 2.94 -57.71 -3.16
CA VAL A 147 2.26 -57.97 -4.43
C VAL A 147 1.53 -56.70 -4.84
N TRP A 148 1.57 -56.41 -6.14
CA TRP A 148 0.78 -55.35 -6.74
C TRP A 148 0.12 -55.91 -7.99
N LEU A 149 -1.18 -55.66 -8.13
CA LEU A 149 -1.99 -56.28 -9.18
C LEU A 149 -2.52 -55.20 -10.11
N SER A 150 -2.18 -55.31 -11.40
CA SER A 150 -2.72 -54.43 -12.43
C SER A 150 -3.92 -55.13 -13.06
N GLY A 151 -5.07 -54.96 -12.43
CA GLY A 151 -6.27 -55.67 -12.83
C GLY A 151 -6.98 -55.10 -14.04
N GLY A 152 -6.88 -55.81 -15.17
CA GLY A 152 -7.64 -55.44 -16.35
C GLY A 152 -7.26 -56.26 -17.56
N ASN A 153 -8.28 -56.76 -18.27
CA ASN A 153 -8.11 -57.51 -19.52
C ASN A 153 -7.35 -58.82 -19.31
N ASP A 154 -6.94 -59.10 -18.08
CA ASP A 154 -6.17 -60.28 -17.73
C ASP A 154 -5.94 -60.27 -16.23
N LEU A 155 -5.62 -61.44 -15.68
CA LEU A 155 -5.26 -61.57 -14.27
C LEU A 155 -3.82 -62.06 -14.18
N CYS A 156 -3.05 -61.43 -13.31
CA CYS A 156 -1.62 -61.74 -13.16
C CYS A 156 -1.23 -61.56 -11.70
N VAL A 157 0.06 -61.66 -11.43
CA VAL A 157 0.61 -61.45 -10.10
C VAL A 157 2.01 -60.88 -10.24
N TRP A 158 2.35 -59.94 -9.36
CA TRP A 158 3.65 -59.27 -9.42
C TRP A 158 4.17 -59.09 -8.00
N ASN A 159 5.25 -58.34 -7.86
CA ASN A 159 5.85 -58.02 -6.57
C ASN A 159 6.46 -56.64 -6.64
N ARG A 160 6.35 -55.89 -5.53
CA ARG A 160 6.86 -54.53 -5.51
C ARG A 160 8.39 -54.47 -5.40
N LYS A 161 9.04 -55.56 -5.01
CA LYS A 161 10.49 -55.59 -4.87
C LYS A 161 11.16 -56.57 -5.81
N LEU A 162 10.73 -57.83 -5.83
CA LEU A 162 11.34 -58.85 -6.66
C LEU A 162 10.71 -58.95 -8.04
N ASP A 163 9.52 -58.37 -8.24
CA ASP A 163 8.81 -58.23 -9.52
C ASP A 163 9.01 -59.42 -10.46
N LEU A 164 8.86 -60.62 -9.95
CA LEU A 164 9.01 -61.83 -10.74
C LEU A 164 7.65 -62.40 -11.13
N LEU A 165 7.63 -63.15 -12.22
CA LEU A 165 6.42 -63.74 -12.77
C LEU A 165 6.28 -65.16 -12.21
N CYS A 166 5.29 -65.36 -11.35
CA CYS A 166 5.04 -66.68 -10.79
C CYS A 166 4.23 -67.54 -11.76
N LYS A 167 3.02 -67.11 -12.08
CA LYS A 167 2.16 -67.84 -13.00
C LYS A 167 1.03 -66.92 -13.43
N THR A 168 0.55 -67.13 -14.65
CA THR A 168 -0.52 -66.30 -15.22
C THR A 168 -1.29 -67.11 -16.25
N SER A 169 -2.61 -67.13 -16.11
CA SER A 169 -3.49 -67.83 -17.03
C SER A 169 -4.04 -66.84 -18.05
N HIS A 170 -3.85 -67.14 -19.34
CA HIS A 170 -4.28 -66.26 -20.43
C HIS A 170 -5.76 -66.48 -20.69
N LEU A 171 -6.59 -65.68 -20.01
CA LEU A 171 -8.04 -65.73 -20.19
C LEU A 171 -8.62 -64.42 -19.68
N SER A 172 -9.95 -64.32 -19.74
CA SER A 172 -10.70 -63.13 -19.31
C SER A 172 -10.16 -61.88 -20.00
N ASP A 173 -10.29 -61.85 -21.32
CA ASP A 173 -9.80 -60.72 -22.11
C ASP A 173 -10.58 -59.44 -21.82
N THR A 174 -11.77 -59.55 -21.24
CA THR A 174 -12.56 -58.37 -20.91
C THR A 174 -11.91 -57.60 -19.76
N GLY A 175 -12.04 -56.27 -19.83
CA GLY A 175 -11.44 -55.43 -18.79
C GLY A 175 -12.09 -55.66 -17.44
N ILE A 176 -11.27 -55.70 -16.41
CA ILE A 176 -11.72 -55.92 -15.04
C ILE A 176 -12.13 -54.59 -14.42
N SER A 177 -13.23 -54.60 -13.68
CA SER A 177 -13.73 -53.38 -13.06
C SER A 177 -12.89 -52.97 -11.86
N ALA A 178 -12.80 -53.85 -10.86
CA ALA A 178 -12.04 -53.56 -9.65
C ALA A 178 -11.45 -54.87 -9.12
N LEU A 179 -10.98 -54.84 -7.88
CA LEU A 179 -10.35 -56.00 -7.27
C LEU A 179 -10.54 -55.95 -5.77
N VAL A 180 -10.87 -57.10 -5.18
CA VAL A 180 -11.07 -57.23 -3.75
C VAL A 180 -10.31 -58.46 -3.25
N GLU A 181 -10.38 -58.70 -1.94
CA GLU A 181 -9.70 -59.82 -1.33
C GLU A 181 -10.46 -60.26 -0.08
N ILE A 182 -10.39 -61.55 0.21
CA ILE A 182 -11.07 -62.14 1.36
C ILE A 182 -10.29 -61.79 2.62
N PRO A 183 -10.95 -61.72 3.79
CA PRO A 183 -10.21 -61.38 5.02
C PRO A 183 -9.40 -62.53 5.59
N LYS A 184 -9.75 -63.78 5.30
CA LYS A 184 -9.08 -64.91 5.93
C LYS A 184 -7.75 -65.25 5.28
N ASN A 185 -7.63 -65.06 3.96
CA ASN A 185 -6.43 -65.42 3.23
C ASN A 185 -5.93 -64.34 2.29
N CYS A 186 -6.73 -63.29 2.02
CA CYS A 186 -6.37 -62.22 1.09
C CYS A 186 -6.15 -62.78 -0.32
N VAL A 187 -7.08 -63.61 -0.76
CA VAL A 187 -7.02 -64.20 -2.10
C VAL A 187 -7.59 -63.21 -3.10
N VAL A 188 -6.90 -63.09 -4.25
CA VAL A 188 -7.34 -62.17 -5.28
C VAL A 188 -8.71 -62.59 -5.80
N ALA A 189 -9.66 -61.65 -5.80
CA ALA A 189 -11.02 -61.88 -6.26
C ALA A 189 -11.38 -60.79 -7.27
N ALA A 190 -11.06 -61.04 -8.54
CA ALA A 190 -11.34 -60.10 -9.62
C ALA A 190 -11.96 -60.86 -10.78
N VAL A 191 -13.12 -60.41 -11.24
CA VAL A 191 -13.83 -61.06 -12.34
C VAL A 191 -14.03 -60.06 -13.47
N GLY A 192 -14.26 -60.59 -14.66
CA GLY A 192 -14.50 -59.78 -15.84
C GLY A 192 -15.93 -59.27 -15.90
N LYS A 193 -16.42 -59.07 -17.13
CA LYS A 193 -17.78 -58.59 -17.37
C LYS A 193 -18.45 -59.54 -18.35
N GLU A 194 -19.02 -60.61 -17.83
CA GLU A 194 -19.82 -61.53 -18.65
C GLU A 194 -21.19 -61.81 -18.05
N LEU A 195 -21.28 -61.93 -16.73
CA LEU A 195 -22.53 -62.19 -16.01
C LEU A 195 -22.21 -62.11 -14.52
N ILE A 196 -23.25 -62.32 -13.70
CA ILE A 196 -23.10 -62.25 -12.24
C ILE A 196 -22.40 -63.53 -11.79
N ILE A 197 -21.09 -63.43 -11.56
CA ILE A 197 -20.30 -64.57 -11.11
C ILE A 197 -19.03 -64.02 -10.45
N PHE A 198 -18.63 -64.66 -9.36
CA PHE A 198 -17.43 -64.28 -8.62
C PHE A 198 -16.65 -65.53 -8.24
N ARG A 199 -15.35 -65.52 -8.55
CA ARG A 199 -14.49 -66.66 -8.27
C ARG A 199 -13.15 -66.15 -7.77
N LEU A 200 -12.62 -66.80 -6.74
CA LEU A 200 -11.36 -66.40 -6.14
C LEU A 200 -10.19 -67.10 -6.81
N VAL A 201 -9.11 -66.35 -7.03
CA VAL A 201 -7.89 -66.88 -7.64
C VAL A 201 -6.72 -66.54 -6.73
N ALA A 202 -5.95 -67.56 -6.34
CA ALA A 202 -4.81 -67.41 -5.44
C ALA A 202 -3.55 -67.86 -6.16
N PRO A 203 -2.92 -66.97 -6.92
CA PRO A 203 -1.68 -67.30 -7.63
C PRO A 203 -0.42 -67.09 -6.80
N THR A 204 -0.53 -66.64 -5.55
CA THR A 204 0.65 -66.40 -4.74
C THR A 204 1.26 -67.70 -4.25
N GLU A 205 0.50 -68.48 -3.50
CA GLU A 205 0.96 -69.76 -2.97
C GLU A 205 0.17 -70.95 -3.49
N GLY A 206 -1.15 -70.84 -3.57
CA GLY A 206 -1.96 -71.93 -4.04
C GLY A 206 -1.85 -72.12 -5.55
N SER A 207 -2.39 -73.26 -6.00
CA SER A 207 -2.35 -73.59 -7.42
C SER A 207 -3.51 -72.90 -8.15
N LEU A 208 -3.57 -73.13 -9.47
CA LEU A 208 -4.62 -72.55 -10.31
C LEU A 208 -5.91 -73.33 -10.09
N GLU A 209 -6.71 -72.87 -9.12
CA GLU A 209 -7.99 -73.49 -8.80
C GLU A 209 -9.05 -72.41 -8.64
N TRP A 210 -10.29 -72.76 -9.00
CA TRP A 210 -11.42 -71.86 -8.91
C TRP A 210 -11.17 -70.58 -9.72
N ASP A 211 -10.50 -70.73 -10.86
CA ASP A 211 -10.15 -69.58 -11.68
C ASP A 211 -11.37 -69.05 -12.42
N ILE A 212 -11.21 -67.87 -13.01
CA ILE A 212 -12.31 -67.22 -13.72
C ILE A 212 -12.62 -67.98 -14.99
N LEU A 213 -13.90 -68.17 -15.28
CA LEU A 213 -14.38 -68.89 -16.45
C LEU A 213 -13.78 -70.30 -16.53
N ASP A 220 -27.73 -65.34 -12.88
CA ASP A 220 -29.10 -65.26 -12.38
C ASP A 220 -29.85 -64.10 -13.01
N HIS A 221 -29.14 -63.01 -13.27
CA HIS A 221 -29.73 -61.83 -13.89
C HIS A 221 -28.66 -61.07 -14.66
N GLN A 222 -29.03 -60.53 -15.81
CA GLN A 222 -28.11 -59.77 -16.64
C GLN A 222 -28.17 -58.30 -16.27
N ASP A 223 -27.01 -57.73 -15.95
CA ASP A 223 -26.90 -56.33 -15.57
C ASP A 223 -25.48 -55.87 -15.85
N ASN A 224 -25.12 -54.70 -15.32
CA ASN A 224 -23.79 -54.12 -15.50
C ASN A 224 -23.16 -53.86 -14.15
N ILE A 225 -21.92 -54.32 -13.98
CA ILE A 225 -21.15 -54.11 -12.77
C ILE A 225 -20.01 -53.13 -13.09
N LEU A 226 -19.79 -52.17 -12.20
CA LEU A 226 -18.79 -51.14 -12.41
C LEU A 226 -17.70 -51.10 -11.34
N SER A 227 -18.01 -51.45 -10.10
CA SER A 227 -17.02 -51.40 -9.04
C SER A 227 -17.48 -52.28 -7.88
N LEU A 228 -16.52 -52.76 -7.10
CA LEU A 228 -16.80 -53.55 -5.91
C LEU A 228 -15.65 -53.36 -4.92
N ILE A 229 -16.00 -53.23 -3.65
CA ILE A 229 -15.04 -52.99 -2.58
C ILE A 229 -15.38 -53.89 -1.40
N ASN A 230 -14.64 -53.72 -0.30
CA ASN A 230 -14.88 -54.49 0.91
C ASN A 230 -16.06 -53.89 1.67
N VAL A 231 -16.28 -54.36 2.91
CA VAL A 231 -17.40 -53.91 3.72
C VAL A 231 -17.00 -54.05 5.18
N ASN A 232 -17.76 -53.38 6.06
CA ASN A 232 -17.42 -53.37 7.47
C ASN A 232 -17.49 -54.75 8.11
N ASP A 233 -18.40 -55.61 7.64
CA ASP A 233 -18.53 -56.94 8.19
C ASP A 233 -17.54 -57.93 7.59
N LEU A 234 -16.50 -57.44 6.92
CA LEU A 234 -15.43 -58.26 6.37
C LEU A 234 -15.97 -59.31 5.39
N SER A 235 -16.58 -58.82 4.32
CA SER A 235 -17.08 -59.66 3.24
C SER A 235 -17.09 -58.84 1.95
N PHE A 236 -17.77 -59.36 0.94
CA PHE A 236 -17.82 -58.73 -0.37
C PHE A 236 -19.17 -58.06 -0.61
N VAL A 237 -19.19 -57.15 -1.57
CA VAL A 237 -20.40 -56.45 -1.98
C VAL A 237 -20.27 -56.07 -3.44
N THR A 238 -21.35 -56.24 -4.19
CA THR A 238 -21.38 -55.94 -5.62
C THR A 238 -22.45 -54.90 -5.91
N GLY A 239 -22.60 -54.56 -7.18
CA GLY A 239 -23.59 -53.61 -7.61
C GLY A 239 -24.47 -54.11 -8.74
N SER A 240 -25.76 -54.22 -8.48
CA SER A 240 -26.72 -54.70 -9.47
C SER A 240 -27.75 -53.59 -9.74
N HIS A 241 -27.72 -53.04 -10.94
CA HIS A 241 -28.64 -51.99 -11.34
C HIS A 241 -29.91 -52.52 -12.00
N VAL A 242 -30.08 -53.84 -12.05
CA VAL A 242 -31.28 -54.40 -12.66
C VAL A 242 -32.51 -54.15 -11.79
N GLY A 243 -32.33 -54.06 -10.48
CA GLY A 243 -33.44 -53.83 -9.57
C GLY A 243 -33.46 -54.81 -8.42
N GLU A 244 -32.38 -55.58 -8.25
CA GLU A 244 -32.24 -56.55 -7.17
C GLU A 244 -30.86 -56.37 -6.56
N LEU A 245 -30.76 -55.50 -5.55
CA LEU A 245 -29.50 -55.25 -4.87
C LEU A 245 -29.10 -56.48 -4.07
N ILE A 246 -27.95 -57.07 -4.41
CA ILE A 246 -27.47 -58.29 -3.77
C ILE A 246 -26.09 -58.02 -3.18
N ILE A 247 -25.74 -58.84 -2.19
CA ILE A 247 -24.46 -58.77 -1.51
C ILE A 247 -23.89 -60.18 -1.40
N TRP A 248 -22.71 -60.28 -0.77
CA TRP A 248 -22.04 -61.57 -0.59
C TRP A 248 -21.53 -61.67 0.84
N ASP A 249 -20.98 -62.85 1.16
CA ASP A 249 -20.43 -63.09 2.49
C ASP A 249 -19.00 -63.61 2.37
N ALA A 250 -18.42 -64.02 3.50
CA ALA A 250 -17.06 -64.54 3.53
C ALA A 250 -16.96 -66.00 3.91
N LEU A 251 -18.02 -66.58 4.49
CA LEU A 251 -18.02 -67.99 4.87
C LEU A 251 -18.74 -68.88 3.88
N ASP A 252 -19.81 -68.40 3.26
CA ASP A 252 -20.55 -69.16 2.27
C ASP A 252 -20.84 -68.42 0.98
N TRP A 253 -20.85 -67.08 1.00
CA TRP A 253 -21.11 -66.22 -0.17
C TRP A 253 -22.25 -66.77 -1.03
N THR A 254 -23.36 -67.11 -0.37
CA THR A 254 -24.55 -67.63 -1.05
C THR A 254 -25.58 -66.53 -1.30
N MET A 255 -25.13 -65.27 -1.35
CA MET A 255 -25.96 -64.11 -1.67
C MET A 255 -26.94 -63.79 -0.55
N GLN A 256 -27.00 -64.65 0.48
CA GLN A 256 -27.85 -64.52 1.65
C GLN A 256 -29.24 -63.94 1.32
N ALA A 257 -29.85 -64.43 0.24
CA ALA A 257 -31.16 -63.96 -0.17
C ALA A 257 -31.88 -65.01 -1.00
N LEU A 277 -37.32 -55.59 -4.39
CA LEU A 277 -36.72 -54.27 -4.58
C LEU A 277 -37.10 -53.70 -5.95
N CYS A 278 -37.32 -52.40 -6.00
CA CYS A 278 -37.71 -51.73 -7.24
C CYS A 278 -37.17 -50.31 -7.21
N GLN A 279 -37.67 -49.47 -8.11
CA GLN A 279 -37.29 -48.06 -8.22
C GLN A 279 -35.78 -47.94 -8.48
N LYS A 280 -35.35 -48.52 -9.59
CA LYS A 280 -33.95 -48.48 -9.99
C LYS A 280 -33.82 -48.15 -11.47
N ASN A 282 -31.38 -45.88 -12.79
CA ASN A 282 -30.64 -46.32 -13.95
C ASN A 282 -29.44 -47.17 -13.55
N ASP A 283 -28.25 -46.76 -14.00
CA ASP A 283 -27.03 -47.47 -13.70
C ASP A 283 -26.36 -46.89 -12.45
N ILE A 284 -25.47 -47.69 -11.87
CA ILE A 284 -24.74 -47.30 -10.67
C ILE A 284 -23.25 -47.34 -10.97
N SER A 285 -22.50 -46.46 -10.30
CA SER A 285 -21.06 -46.34 -10.51
C SER A 285 -20.25 -46.77 -9.30
N ILE A 286 -20.52 -46.20 -8.14
CA ILE A 286 -19.78 -46.51 -6.92
C ILE A 286 -20.76 -46.68 -5.77
N HIS A 287 -20.33 -47.39 -4.73
CA HIS A 287 -21.17 -47.64 -3.56
C HIS A 287 -20.26 -47.77 -2.34
N HIS A 288 -20.12 -46.66 -1.59
CA HIS A 288 -19.36 -46.67 -0.35
C HIS A 288 -20.02 -45.66 0.60
N PHE A 289 -20.91 -46.16 1.44
CA PHE A 289 -21.62 -45.33 2.41
C PHE A 289 -21.80 -46.08 3.73
N THR A 290 -20.79 -46.83 4.15
CA THR A 290 -20.86 -47.62 5.36
C THR A 290 -19.61 -47.41 6.21
N CYS A 291 -19.82 -47.29 7.52
CA CYS A 291 -18.71 -47.17 8.47
C CYS A 291 -18.87 -48.03 9.71
N ASP A 292 -20.06 -48.53 10.02
CA ASP A 292 -20.25 -49.38 11.19
C ASP A 292 -21.20 -50.55 10.90
N GLU A 293 -21.41 -50.90 9.63
CA GLU A 293 -22.30 -51.98 9.23
C GLU A 293 -23.72 -51.76 9.76
N GLU A 294 -24.25 -50.56 9.49
CA GLU A 294 -25.62 -50.24 9.89
C GLU A 294 -26.38 -49.67 8.71
N ASN A 295 -25.68 -49.02 7.79
CA ASN A 295 -26.28 -48.43 6.60
C ASN A 295 -25.33 -48.56 5.42
N VAL A 296 -25.86 -48.98 4.28
CA VAL A 296 -25.07 -49.13 3.06
C VAL A 296 -26.02 -49.10 1.87
N PHE A 297 -25.60 -48.40 0.82
CA PHE A 297 -26.40 -48.31 -0.40
C PHE A 297 -25.44 -47.98 -1.55
N ALA A 298 -26.01 -47.61 -2.70
CA ALA A 298 -25.27 -47.32 -3.91
C ALA A 298 -25.66 -45.94 -4.43
N ALA A 299 -25.03 -45.54 -5.53
CA ALA A 299 -25.28 -44.25 -6.16
C ALA A 299 -26.05 -44.49 -7.46
N VAL A 300 -27.34 -44.14 -7.45
CA VAL A 300 -28.20 -44.33 -8.61
C VAL A 300 -28.24 -43.03 -9.39
N GLY A 301 -28.71 -43.13 -10.64
CA GLY A 301 -28.79 -42.00 -11.54
C GLY A 301 -29.86 -40.98 -11.25
N ARG A 302 -30.59 -41.14 -10.14
CA ARG A 302 -31.65 -40.21 -9.77
C ARG A 302 -31.41 -39.52 -8.44
N GLY A 303 -30.80 -40.20 -7.47
CA GLY A 303 -30.53 -39.59 -6.18
C GLY A 303 -29.85 -40.55 -5.21
N LEU A 304 -30.25 -40.52 -3.95
CA LEU A 304 -29.70 -41.39 -2.92
C LEU A 304 -30.84 -42.17 -2.30
N TYR A 305 -30.75 -43.50 -2.35
CA TYR A 305 -31.76 -44.40 -1.80
C TYR A 305 -31.14 -45.14 -0.62
N VAL A 306 -31.37 -44.63 0.59
CA VAL A 306 -30.80 -45.24 1.78
C VAL A 306 -31.50 -46.55 2.07
N TYR A 307 -30.72 -47.58 2.39
CA TYR A 307 -31.26 -48.90 2.72
C TYR A 307 -30.68 -49.40 4.03
N SER A 308 -30.97 -50.66 4.37
CA SER A 308 -30.45 -51.25 5.60
C SER A 308 -30.21 -52.74 5.37
N LEU A 309 -29.32 -53.30 6.20
CA LEU A 309 -29.00 -54.72 6.14
C LEU A 309 -29.67 -55.53 7.24
N GLN A 310 -29.79 -54.97 8.45
CA GLN A 310 -30.46 -55.65 9.54
C GLN A 310 -31.97 -55.46 9.50
N MET A 311 -32.48 -54.56 8.66
CA MET A 311 -33.91 -54.31 8.57
C MET A 311 -34.46 -54.34 7.16
N LYS A 312 -33.64 -54.09 6.13
CA LYS A 312 -34.07 -54.10 4.73
C LYS A 312 -35.20 -53.09 4.51
N ARG A 313 -35.02 -51.89 5.03
CA ARG A 313 -35.99 -50.82 4.89
C ARG A 313 -35.26 -49.52 4.56
N VAL A 314 -36.03 -48.47 4.32
CA VAL A 314 -35.47 -47.16 4.00
C VAL A 314 -34.84 -46.53 5.23
N ALA A 321 -33.28 -33.90 -3.97
CA ALA A 321 -32.89 -32.68 -4.68
C ALA A 321 -31.73 -32.94 -5.64
N HIS A 322 -32.03 -33.68 -6.71
CA HIS A 322 -31.03 -34.01 -7.72
C HIS A 322 -31.66 -33.94 -9.10
N ASP A 323 -30.83 -33.63 -10.10
CA ASP A 323 -31.29 -33.51 -11.47
C ASP A 323 -30.48 -34.36 -12.45
N SER A 324 -29.42 -35.01 -12.01
CA SER A 324 -28.58 -35.82 -12.87
C SER A 324 -28.16 -37.08 -12.11
N ASN A 325 -27.20 -37.81 -12.66
CA ASN A 325 -26.70 -39.03 -12.04
C ASN A 325 -25.71 -38.68 -10.93
N VAL A 326 -25.13 -39.72 -10.34
CA VAL A 326 -24.14 -39.58 -9.28
C VAL A 326 -22.91 -40.39 -9.68
N LEU A 327 -21.74 -39.75 -9.61
CA LEU A 327 -20.50 -40.40 -10.03
C LEU A 327 -19.81 -41.12 -8.88
N HIS A 328 -19.87 -40.57 -7.67
CA HIS A 328 -19.18 -41.15 -6.53
C HIS A 328 -19.88 -40.73 -5.25
N VAL A 329 -19.83 -41.60 -4.25
CA VAL A 329 -20.41 -41.34 -2.93
C VAL A 329 -19.36 -41.69 -1.88
N ALA A 330 -18.94 -40.71 -1.11
CA ALA A 330 -17.94 -40.89 -0.07
C ALA A 330 -18.56 -40.67 1.30
N ARG A 331 -18.10 -41.44 2.28
CA ARG A 331 -18.58 -41.35 3.66
C ARG A 331 -17.56 -40.55 4.46
N LEU A 332 -17.88 -39.29 4.72
CA LEU A 332 -17.00 -38.42 5.50
C LEU A 332 -17.06 -38.81 6.97
N PRO A 333 -16.04 -38.45 7.75
CA PRO A 333 -16.06 -38.75 9.19
C PRO A 333 -17.17 -38.01 9.94
N ASN A 334 -17.24 -38.25 11.25
CA ASN A 334 -18.25 -37.71 12.15
C ASN A 334 -19.65 -37.73 11.53
N ARG A 335 -19.99 -38.84 10.87
CA ARG A 335 -21.33 -39.08 10.33
C ARG A 335 -21.75 -37.98 9.35
N GLN A 336 -21.01 -37.89 8.25
CA GLN A 336 -21.30 -36.95 7.18
C GLN A 336 -21.28 -37.68 5.84
N LEU A 337 -22.33 -37.48 5.06
CA LEU A 337 -22.46 -38.11 3.75
C LEU A 337 -22.40 -37.06 2.66
N ILE A 338 -21.66 -37.36 1.59
CA ILE A 338 -21.50 -36.43 0.48
C ILE A 338 -21.64 -37.20 -0.83
N SER A 339 -22.03 -36.48 -1.88
CA SER A 339 -22.21 -37.07 -3.20
C SER A 339 -21.88 -36.02 -4.25
N CYS A 340 -21.83 -36.46 -5.50
CA CYS A 340 -21.53 -35.60 -6.63
C CYS A 340 -22.59 -35.81 -7.72
N SER A 341 -22.46 -35.03 -8.80
CA SER A 341 -23.39 -35.11 -9.92
C SER A 341 -22.69 -34.59 -11.16
N GLU A 342 -23.42 -34.54 -12.27
CA GLU A 342 -22.88 -34.04 -13.53
C GLU A 342 -23.11 -32.55 -13.72
N ASP A 343 -24.07 -31.95 -13.01
CA ASP A 343 -24.34 -30.54 -13.09
C ASP A 343 -23.67 -29.75 -11.97
N GLY A 344 -22.74 -30.38 -11.25
CA GLY A 344 -22.07 -29.72 -10.14
C GLY A 344 -22.84 -29.69 -8.84
N SER A 345 -23.91 -30.46 -8.73
CA SER A 345 -24.72 -30.50 -7.51
C SER A 345 -24.00 -31.34 -6.47
N VAL A 346 -23.20 -30.67 -5.66
CA VAL A 346 -22.45 -31.32 -4.57
C VAL A 346 -23.12 -30.94 -3.26
N ARG A 347 -23.77 -31.90 -2.63
CA ARG A 347 -24.49 -31.68 -1.39
C ARG A 347 -23.93 -32.57 -0.29
N ILE A 348 -24.00 -32.09 0.94
CA ILE A 348 -23.50 -32.81 2.11
C ILE A 348 -24.69 -33.18 2.98
N TRP A 349 -24.83 -34.48 3.25
CA TRP A 349 -25.94 -34.97 4.05
C TRP A 349 -25.43 -35.81 5.23
N GLU A 350 -26.35 -36.47 5.93
CA GLU A 350 -26.01 -37.26 7.10
C GLU A 350 -26.77 -38.59 7.01
N LEU A 351 -26.74 -39.35 8.10
CA LEU A 351 -27.39 -40.66 8.12
C LEU A 351 -28.92 -40.56 8.04
N ARG A 352 -29.49 -39.40 8.40
CA ARG A 352 -30.94 -39.23 8.38
C ARG A 352 -31.44 -38.66 7.06
N GLU A 353 -30.64 -37.82 6.41
CA GLU A 353 -31.04 -37.22 5.14
C GLU A 353 -30.00 -37.48 4.05
N GLY A 399 -26.12 -29.84 4.37
CA GLY A 399 -25.60 -28.68 3.67
C GLY A 399 -25.44 -28.91 2.17
N ASP A 400 -25.21 -27.84 1.43
CA ASP A 400 -25.03 -27.93 -0.01
C ASP A 400 -24.28 -26.69 -0.50
N LEU A 401 -23.55 -26.87 -1.59
CA LEU A 401 -22.80 -25.78 -2.21
C LEU A 401 -23.28 -25.57 -3.64
N ILE A 402 -22.73 -24.53 -4.27
CA ILE A 402 -23.12 -24.18 -5.64
C ILE A 402 -22.00 -23.33 -6.22
N GLY A 403 -21.82 -23.43 -7.53
CA GLY A 403 -20.78 -22.67 -8.20
C GLY A 403 -20.08 -23.43 -9.31
N HIS A 404 -20.47 -24.67 -9.54
CA HIS A 404 -19.89 -25.50 -10.59
C HIS A 404 -20.99 -26.08 -11.46
N SER A 405 -20.74 -26.13 -12.77
CA SER A 405 -21.70 -26.66 -13.73
C SER A 405 -21.12 -27.79 -14.56
N SER A 406 -19.99 -28.36 -14.16
CA SER A 406 -19.36 -29.45 -14.87
C SER A 406 -19.53 -30.75 -14.09
N SER A 407 -19.23 -31.87 -14.76
CA SER A 407 -19.35 -33.19 -14.15
C SER A 407 -18.17 -33.41 -13.23
N VAL A 408 -18.35 -33.07 -11.95
CA VAL A 408 -17.29 -33.23 -10.97
C VAL A 408 -17.08 -34.70 -10.66
N GLU A 409 -15.83 -35.08 -10.43
CA GLU A 409 -15.45 -36.46 -10.19
C GLU A 409 -15.44 -36.75 -8.69
N MET A 410 -14.86 -37.89 -8.31
CA MET A 410 -14.82 -38.30 -6.92
C MET A 410 -14.06 -37.29 -6.07
N PHE A 411 -14.37 -37.27 -4.78
CA PHE A 411 -13.78 -36.34 -3.83
C PHE A 411 -12.62 -37.01 -3.09
N LEU A 412 -12.00 -36.25 -2.19
CA LEU A 412 -10.92 -36.77 -1.36
C LEU A 412 -10.87 -35.91 -0.09
N TYR A 413 -11.29 -36.48 1.04
CA TYR A 413 -11.33 -35.76 2.29
C TYR A 413 -10.03 -35.95 3.07
N PHE A 414 -9.60 -34.89 3.75
CA PHE A 414 -8.38 -34.90 4.54
C PHE A 414 -8.70 -34.55 5.98
N GLU A 415 -7.93 -35.13 6.89
CA GLU A 415 -8.11 -34.91 8.33
C GLU A 415 -7.43 -33.64 8.82
N ASP A 416 -6.74 -32.91 7.95
CA ASP A 416 -6.06 -31.68 8.34
C ASP A 416 -6.54 -30.45 7.58
N HIS A 417 -7.00 -30.61 6.34
CA HIS A 417 -7.48 -29.47 5.56
C HIS A 417 -8.86 -29.75 4.99
N GLY A 418 -9.34 -28.88 4.11
CA GLY A 418 -10.65 -29.04 3.52
C GLY A 418 -10.69 -30.16 2.50
N LEU A 419 -11.76 -30.16 1.72
CA LEU A 419 -11.96 -31.19 0.71
C LEU A 419 -11.24 -30.82 -0.58
N VAL A 420 -10.83 -31.86 -1.32
CA VAL A 420 -10.14 -31.69 -2.60
C VAL A 420 -10.96 -32.46 -3.63
N THR A 421 -11.77 -31.73 -4.39
CA THR A 421 -12.62 -32.33 -5.41
C THR A 421 -11.94 -32.28 -6.78
N CYS A 422 -12.50 -33.05 -7.71
CA CYS A 422 -11.99 -33.13 -9.07
C CYS A 422 -13.13 -32.81 -10.03
N SER A 423 -12.92 -31.81 -10.88
CA SER A 423 -13.92 -31.36 -11.84
C SER A 423 -13.49 -31.72 -13.26
N ALA A 424 -14.43 -31.57 -14.18
CA ALA A 424 -14.20 -31.89 -15.58
C ALA A 424 -14.17 -30.65 -16.48
N ASP A 425 -14.08 -29.46 -15.90
CA ASP A 425 -14.00 -28.22 -16.66
C ASP A 425 -12.57 -27.73 -16.83
N HIS A 426 -11.62 -28.66 -16.90
CA HIS A 426 -10.20 -28.38 -17.14
C HIS A 426 -9.52 -27.67 -15.97
N LEU A 427 -10.13 -27.69 -14.78
CA LEU A 427 -9.47 -27.18 -13.58
C LEU A 427 -10.13 -27.81 -12.36
N ILE A 428 -9.41 -27.75 -11.24
CA ILE A 428 -9.89 -28.30 -9.98
C ILE A 428 -10.04 -27.19 -8.96
N ILE A 429 -10.49 -27.54 -7.76
CA ILE A 429 -10.71 -26.56 -6.69
C ILE A 429 -10.66 -27.30 -5.37
N LEU A 430 -10.08 -26.66 -4.35
CA LEU A 430 -9.99 -27.21 -3.01
C LEU A 430 -11.11 -26.61 -2.17
N TRP A 431 -12.07 -27.44 -1.77
CA TRP A 431 -13.23 -26.99 -1.02
C TRP A 431 -12.96 -27.11 0.48
N LYS A 432 -14.01 -26.94 1.28
CA LYS A 432 -13.91 -27.09 2.74
C LYS A 432 -15.27 -27.50 3.28
N ASN A 433 -15.25 -28.20 4.42
CA ASN A 433 -16.47 -28.67 5.06
C ASN A 433 -17.16 -27.48 5.72
N GLY A 434 -18.16 -26.94 5.03
CA GLY A 434 -18.93 -25.80 5.54
C GLY A 434 -20.38 -26.20 5.76
N GLU A 435 -20.95 -25.71 6.85
CA GLU A 435 -22.33 -26.00 7.22
C GLU A 435 -23.09 -24.69 7.42
N ARG A 436 -24.38 -24.81 7.75
CA ARG A 436 -25.25 -23.67 7.98
C ARG A 436 -25.31 -22.75 6.76
N GLU A 437 -25.78 -23.32 5.65
CA GLU A 437 -25.89 -22.58 4.41
C GLU A 437 -27.10 -21.63 4.44
N LEU A 443 -25.17 -15.31 -7.17
CA LEU A 443 -23.78 -15.30 -6.74
C LEU A 443 -23.12 -16.64 -7.02
N ARG A 444 -23.48 -17.27 -8.14
CA ARG A 444 -22.94 -18.56 -8.52
C ARG A 444 -22.56 -18.53 -9.99
N LEU A 445 -21.57 -19.36 -10.35
CA LEU A 445 -21.14 -19.44 -11.73
C LEU A 445 -22.24 -20.01 -12.62
N PHE A 446 -23.03 -20.95 -12.09
CA PHE A 446 -24.15 -21.49 -12.87
C PHE A 446 -25.18 -20.42 -13.18
N GLN A 447 -25.53 -19.61 -12.17
CA GLN A 447 -26.48 -18.53 -12.38
C GLN A 447 -25.92 -17.48 -13.33
N LYS A 448 -24.62 -17.20 -13.23
CA LYS A 448 -24.00 -16.22 -14.13
C LYS A 448 -24.01 -16.71 -15.57
N LEU A 449 -23.75 -18.00 -15.78
CA LEU A 449 -23.80 -18.55 -17.13
C LEU A 449 -25.22 -18.62 -17.66
N GLU A 450 -26.20 -18.89 -16.79
CA GLU A 450 -27.58 -18.94 -17.23
C GLU A 450 -28.10 -17.56 -17.60
N GLU A 451 -27.71 -16.54 -16.84
CA GLU A 451 -28.11 -15.16 -17.10
C GLU A 451 -27.16 -14.43 -18.03
N ASN A 452 -26.34 -15.16 -18.78
CA ASN A 452 -25.39 -14.55 -19.70
C ASN A 452 -25.99 -14.42 -21.10
N SER B 23 26.00 29.25 19.65
CA SER B 23 26.79 28.53 18.65
C SER B 23 26.36 28.83 17.20
N PRO B 24 25.06 28.75 16.88
CA PRO B 24 24.66 29.05 15.50
C PRO B 24 24.73 30.53 15.17
N LEU B 25 24.53 31.41 16.16
CA LEU B 25 24.60 32.85 15.94
C LEU B 25 26.06 33.29 16.04
N LEU B 26 26.71 33.42 14.88
CA LEU B 26 28.11 33.80 14.86
C LEU B 26 28.29 35.24 15.31
N ALA B 27 27.69 36.18 14.60
CA ALA B 27 27.81 37.60 14.93
C ALA B 27 26.67 38.36 14.27
N ALA B 28 26.13 39.34 14.98
CA ALA B 28 25.09 40.20 14.47
C ALA B 28 25.68 41.55 14.06
N THR B 29 24.94 42.25 13.20
CA THR B 29 25.37 43.54 12.69
C THR B 29 24.18 44.46 12.54
N PHE B 30 24.45 45.76 12.37
CA PHE B 30 23.43 46.77 12.20
C PHE B 30 23.76 47.58 10.95
N ALA B 31 22.83 47.61 9.99
CA ALA B 31 23.05 48.31 8.74
C ALA B 31 22.83 49.81 8.93
N TYR B 32 23.86 50.60 8.65
CA TYR B 32 23.81 52.05 8.73
C TYR B 32 24.12 52.59 7.33
N TRP B 33 23.08 52.74 6.52
CA TRP B 33 23.21 53.16 5.12
C TRP B 33 22.83 54.62 4.93
N ASP B 34 23.19 55.48 5.89
CA ASP B 34 22.86 56.90 5.78
C ASP B 34 23.54 57.53 4.57
N ASN B 35 24.87 57.59 4.57
CA ASN B 35 25.60 58.16 3.45
C ASN B 35 26.02 57.09 2.46
N ILE B 36 26.82 56.13 2.91
CA ILE B 36 27.27 55.04 2.06
C ILE B 36 26.97 53.71 2.74
N LEU B 37 27.59 53.47 3.89
CA LEU B 37 27.45 52.23 4.64
C LEU B 37 28.10 52.41 6.00
N GLY B 38 27.58 51.67 6.99
CA GLY B 38 28.10 51.74 8.33
C GLY B 38 28.32 50.38 8.94
N PRO B 39 29.57 50.09 9.32
CA PRO B 39 29.91 48.79 9.92
C PRO B 39 29.61 48.75 11.43
N ARG B 40 28.33 48.68 11.76
CA ARG B 40 27.89 48.60 13.15
C ARG B 40 27.61 47.14 13.48
N VAL B 41 28.69 46.43 13.81
CA VAL B 41 28.62 45.00 14.12
C VAL B 41 28.50 44.80 15.61
N ARG B 42 27.70 43.82 16.02
CA ARG B 42 27.50 43.47 17.42
C ARG B 42 27.62 41.95 17.53
N HIS B 43 28.83 41.46 17.78
CA HIS B 43 29.06 40.03 17.85
C HIS B 43 28.48 39.46 19.14
N ILE B 44 28.41 38.13 19.20
CA ILE B 44 27.88 37.41 20.35
C ILE B 44 29.04 37.03 21.26
N TRP B 45 28.75 36.99 22.57
CA TRP B 45 29.73 36.64 23.60
C TRP B 45 30.94 37.58 23.60
N ALA B 46 30.77 38.79 23.07
CA ALA B 46 31.86 39.76 23.00
C ALA B 46 31.27 41.14 22.75
N PRO B 47 31.72 42.17 23.46
CA PRO B 47 31.16 43.51 23.24
C PRO B 47 31.63 44.10 21.92
N LYS B 48 30.75 44.84 21.27
CA LYS B 48 31.04 45.47 19.99
C LYS B 48 30.06 46.62 19.79
N THR B 49 30.10 47.23 18.61
CA THR B 49 29.22 48.34 18.29
C THR B 49 27.78 47.86 18.07
N LEU B 54 33.93 34.47 10.68
CA LEU B 54 34.71 34.12 11.87
C LEU B 54 35.78 35.18 12.15
N SER B 55 36.20 35.89 11.11
CA SER B 55 37.20 36.93 11.25
C SER B 55 36.57 38.24 11.70
N ASP B 56 37.42 39.20 12.04
CA ASP B 56 36.93 40.50 12.50
C ASP B 56 36.38 41.32 11.33
N GLY B 57 37.17 41.45 10.26
CA GLY B 57 36.73 42.20 9.09
C GLY B 57 35.77 41.46 8.19
N GLU B 58 35.65 40.14 8.35
CA GLU B 58 34.73 39.38 7.51
C GLU B 58 33.28 39.78 7.77
N ILE B 59 32.94 40.07 9.04
CA ILE B 59 31.58 40.51 9.36
C ILE B 59 31.28 41.83 8.68
N THR B 60 32.21 42.78 8.74
CA THR B 60 32.01 44.07 8.09
C THR B 60 31.92 43.92 6.58
N PHE B 61 32.73 43.02 6.00
CA PHE B 61 32.67 42.80 4.56
C PHE B 61 31.33 42.21 4.15
N LEU B 62 30.82 41.24 4.92
CA LEU B 62 29.52 40.66 4.61
C LEU B 62 28.40 41.70 4.79
N ALA B 63 28.51 42.54 5.80
CA ALA B 63 27.51 43.59 6.00
C ALA B 63 27.51 44.58 4.84
N ASN B 64 28.70 44.96 4.37
CA ASN B 64 28.79 45.87 3.23
C ASN B 64 28.24 45.22 1.97
N HIS B 65 28.52 43.93 1.76
CA HIS B 65 28.00 43.24 0.60
C HIS B 65 26.48 43.13 0.66
N THR B 66 25.92 42.94 1.86
CA THR B 66 24.46 42.86 1.98
C THR B 66 23.80 44.22 1.82
N LEU B 67 24.45 45.28 2.28
CA LEU B 67 23.89 46.62 2.18
C LEU B 67 24.14 47.26 0.83
N ASN B 68 25.04 46.71 0.01
CA ASN B 68 25.29 47.29 -1.31
C ASN B 68 24.10 47.11 -2.24
N GLY B 69 23.31 46.06 -2.05
CA GLY B 69 22.13 45.80 -2.85
C GLY B 69 20.86 46.47 -2.36
N GLU B 70 20.95 47.32 -1.35
CA GLU B 70 19.77 47.99 -0.80
C GLU B 70 19.44 49.19 -1.69
N ILE B 71 18.44 49.03 -2.55
CA ILE B 71 18.02 50.09 -3.44
C ILE B 71 17.12 51.07 -2.68
N LEU B 72 16.90 52.25 -3.26
CA LEU B 72 16.06 53.28 -2.65
C LEU B 72 14.61 52.89 -2.82
N ARG B 73 14.07 52.20 -1.82
CA ARG B 73 12.68 51.74 -1.82
C ARG B 73 12.35 50.90 -3.05
N ILE B 80 9.15 48.04 6.50
CA ILE B 80 9.63 46.76 7.00
C ILE B 80 9.75 45.77 5.86
N ASP B 81 10.97 45.41 5.51
CA ASP B 81 11.27 44.47 4.43
C ASP B 81 11.98 43.25 5.00
N VAL B 82 12.35 42.34 4.10
CA VAL B 82 13.05 41.12 4.47
C VAL B 82 13.97 40.72 3.32
N LYS B 83 15.04 40.00 3.66
CA LYS B 83 16.01 39.56 2.66
C LYS B 83 16.65 38.27 3.15
N PHE B 84 17.52 37.71 2.31
CA PHE B 84 18.21 36.47 2.63
C PHE B 84 19.45 36.37 1.74
N PHE B 85 20.55 35.89 2.33
CA PHE B 85 21.82 35.75 1.60
C PHE B 85 22.48 34.45 2.05
N VAL B 86 22.23 33.37 1.31
CA VAL B 86 22.86 32.08 1.59
C VAL B 86 24.14 32.05 0.77
N LEU B 87 25.19 32.63 1.34
CA LEU B 87 26.49 32.71 0.67
C LEU B 87 27.24 31.41 0.88
N SER B 88 27.23 30.55 -0.13
CA SER B 88 27.93 29.27 -0.04
C SER B 88 29.42 29.39 -0.32
N GLU B 89 29.90 30.57 -0.73
CA GLU B 89 31.33 30.75 -0.99
C GLU B 89 32.11 30.83 0.33
N LYS B 90 31.77 31.80 1.17
CA LYS B 90 32.43 31.97 2.45
C LYS B 90 31.75 31.20 3.57
N GLY B 91 30.56 30.65 3.33
CA GLY B 91 29.85 29.89 4.35
C GLY B 91 29.25 30.76 5.43
N VAL B 92 28.40 31.71 5.03
CA VAL B 92 27.75 32.63 5.97
C VAL B 92 26.34 32.89 5.46
N ILE B 93 25.34 32.42 6.19
CA ILE B 93 23.93 32.64 5.82
C ILE B 93 23.52 33.94 6.51
N ILE B 94 23.79 35.06 5.85
CA ILE B 94 23.50 36.39 6.39
C ILE B 94 22.02 36.69 6.08
N VAL B 95 21.16 36.52 7.08
CA VAL B 95 19.74 36.83 6.94
C VAL B 95 19.58 38.29 7.33
N SER B 96 19.79 39.17 6.36
CA SER B 96 19.72 40.60 6.60
C SER B 96 18.33 41.14 6.31
N LEU B 97 18.06 42.35 6.81
CA LEU B 97 16.78 43.00 6.60
C LEU B 97 16.98 44.40 6.00
N ILE B 98 15.88 45.16 5.90
CA ILE B 98 15.92 46.51 5.36
C ILE B 98 14.91 47.35 6.14
N PHE B 99 15.41 48.33 6.88
CA PHE B 99 14.57 49.21 7.68
C PHE B 99 14.64 50.64 7.16
N ASP B 100 13.54 51.37 7.32
CA ASP B 100 13.48 52.75 6.86
C ASP B 100 13.55 53.73 8.03
N ASP B 106 11.60 57.11 7.28
CA ASP B 106 12.13 57.98 8.32
C ASP B 106 13.10 59.01 7.73
N ARG B 107 14.39 58.77 7.90
CA ARG B 107 15.43 59.67 7.39
C ARG B 107 16.38 58.98 6.43
N SER B 108 16.77 57.74 6.70
CA SER B 108 17.69 57.00 5.86
C SER B 108 17.28 55.53 5.87
N THR B 109 18.16 54.67 5.34
CA THR B 109 17.91 53.23 5.28
C THR B 109 18.71 52.53 6.37
N TYR B 110 18.10 51.52 6.98
CA TYR B 110 18.73 50.75 8.05
C TYR B 110 18.40 49.28 7.83
N GLY B 111 18.85 48.44 8.77
CA GLY B 111 18.60 47.02 8.69
C GLY B 111 19.38 46.22 9.71
N LEU B 112 18.90 45.02 10.02
CA LEU B 112 19.55 44.12 10.96
C LEU B 112 20.05 42.89 10.21
N SER B 113 21.27 42.47 10.52
CA SER B 113 21.92 41.33 9.88
C SER B 113 22.33 40.30 10.91
N ILE B 114 22.13 39.03 10.59
CA ILE B 114 22.51 37.92 11.45
C ILE B 114 23.35 36.96 10.62
N ILE B 115 24.64 36.88 10.94
CA ILE B 115 25.56 36.02 10.23
C ILE B 115 25.57 34.65 10.89
N LEU B 116 25.24 33.62 10.11
CA LEU B 116 25.22 32.25 10.59
C LEU B 116 25.95 31.35 9.61
N PRO B 117 26.74 30.39 10.09
CA PRO B 117 27.48 29.51 9.19
C PRO B 117 26.55 28.67 8.33
N GLN B 118 27.09 28.23 7.19
CA GLN B 118 26.32 27.43 6.25
C GLN B 118 26.08 26.00 6.74
N THR B 119 26.73 25.59 7.83
CA THR B 119 26.52 24.25 8.36
C THR B 119 25.15 24.07 9.00
N GLU B 120 24.44 25.17 9.28
CA GLU B 120 23.12 25.13 9.90
C GLU B 120 22.03 25.53 8.90
N LEU B 121 22.17 25.09 7.64
CA LEU B 121 21.17 25.41 6.64
C LEU B 121 19.83 24.76 6.96
N SER B 122 19.85 23.45 7.23
CA SER B 122 18.62 22.75 7.61
C SER B 122 18.16 23.08 9.02
N PHE B 123 18.96 23.82 9.79
CA PHE B 123 18.62 24.18 11.16
C PHE B 123 17.98 25.56 11.26
N TYR B 124 18.45 26.53 10.46
CA TYR B 124 17.90 27.88 10.51
C TYR B 124 16.58 28.00 9.76
N LEU B 125 16.33 27.13 8.79
CA LEU B 125 15.08 27.22 8.03
C LEU B 125 13.84 27.00 8.89
N PRO B 126 13.76 25.97 9.75
CA PRO B 126 12.58 25.86 10.61
C PRO B 126 12.47 26.95 11.65
N LEU B 127 13.59 27.57 12.03
CA LEU B 127 13.60 28.66 13.01
C LEU B 127 13.54 30.03 12.36
N HIS B 128 13.44 30.10 11.03
CA HIS B 128 13.41 31.40 10.36
C HIS B 128 12.11 32.13 10.61
N ARG B 129 10.99 31.41 10.71
CA ARG B 129 9.70 32.07 10.90
C ARG B 129 9.63 32.78 12.25
N VAL B 130 10.39 32.31 13.24
CA VAL B 130 10.42 32.97 14.55
C VAL B 130 11.48 34.06 14.60
N CYS B 131 12.64 33.81 13.99
CA CYS B 131 13.71 34.81 13.99
C CYS B 131 13.30 36.06 13.22
N VAL B 132 12.67 35.89 12.05
CA VAL B 132 12.23 37.05 11.27
C VAL B 132 11.17 37.82 12.02
N ASP B 133 10.26 37.11 12.71
CA ASP B 133 9.22 37.78 13.48
C ASP B 133 9.83 38.57 14.64
N ARG B 134 10.79 37.98 15.34
CA ARG B 134 11.44 38.68 16.44
C ARG B 134 12.22 39.90 15.94
N LEU B 135 12.88 39.77 14.79
CA LEU B 135 13.60 40.91 14.23
C LEU B 135 12.64 42.03 13.83
N THR B 136 11.52 41.67 13.21
CA THR B 136 10.53 42.68 12.84
C THR B 136 9.95 43.35 14.08
N HIS B 137 9.75 42.58 15.15
CA HIS B 137 9.20 43.15 16.37
C HIS B 137 10.19 44.11 17.03
N ILE B 138 11.47 43.74 17.10
CA ILE B 138 12.45 44.62 17.71
C ILE B 138 12.83 45.79 16.81
N ILE B 139 12.53 45.70 15.51
CA ILE B 139 12.80 46.84 14.61
C ILE B 139 11.60 47.77 14.47
N ARG B 140 10.38 47.28 14.73
CA ARG B 140 9.21 48.14 14.63
C ARG B 140 9.19 49.21 15.71
N LYS B 141 9.76 48.92 16.88
CA LYS B 141 9.84 49.88 17.98
C LYS B 141 10.96 50.87 17.66
N GLY B 142 10.59 51.98 17.03
CA GLY B 142 11.57 52.98 16.65
C GLY B 142 11.56 53.27 15.15
N ARG B 143 10.42 53.02 14.51
CA ARG B 143 10.25 53.25 13.07
C ARG B 143 9.06 54.19 12.89
N ILE B 144 9.34 55.49 12.84
CA ILE B 144 8.33 56.52 12.65
C ILE B 144 8.88 57.56 11.68
N TRP B 145 8.08 58.59 11.40
CA TRP B 145 8.45 59.65 10.47
C TRP B 145 8.90 60.92 11.15
N MET B 146 8.30 61.28 12.29
CA MET B 146 8.64 62.53 12.97
C MET B 146 9.91 62.37 13.79
N HIS B 147 9.89 61.49 14.80
CA HIS B 147 11.04 61.28 15.66
C HIS B 147 10.92 59.90 16.28
N LYS B 148 11.83 58.99 15.92
CA LYS B 148 11.81 57.62 16.42
C LYS B 148 13.21 57.18 16.82
N GLU B 149 13.95 58.06 17.49
CA GLU B 149 15.30 57.70 17.93
C GLU B 149 15.25 56.74 19.12
N ARG B 150 14.66 57.19 20.23
CA ARG B 150 14.51 56.39 21.44
C ARG B 150 15.84 55.86 21.96
N GLN B 151 16.92 56.60 21.70
CA GLN B 151 18.27 56.24 22.13
C GLN B 151 18.64 54.85 21.60
N GLU B 152 18.62 54.71 20.27
CA GLU B 152 18.93 53.44 19.62
C GLU B 152 20.45 53.25 19.49
N ASN B 153 21.10 53.18 20.64
CA ASN B 153 22.54 52.97 20.72
C ASN B 153 22.91 51.64 21.36
N VAL B 154 22.39 51.36 22.55
CA VAL B 154 22.69 50.10 23.23
C VAL B 154 21.45 49.24 23.45
N GLN B 155 20.24 49.80 23.38
CA GLN B 155 19.04 49.00 23.58
C GLN B 155 18.86 47.99 22.45
N LYS B 156 19.25 48.34 21.23
CA LYS B 156 19.16 47.40 20.13
C LYS B 156 20.09 46.20 20.35
N ILE B 157 21.31 46.46 20.81
CA ILE B 157 22.24 45.37 21.09
C ILE B 157 21.73 44.54 22.27
N ILE B 158 21.13 45.19 23.27
CA ILE B 158 20.61 44.46 24.42
C ILE B 158 19.46 43.55 23.99
N LEU B 159 18.61 44.03 23.08
CA LEU B 159 17.50 43.19 22.60
C LEU B 159 17.99 42.08 21.69
N GLU B 160 19.05 42.34 20.90
CA GLU B 160 19.59 41.30 20.02
C GLU B 160 20.34 40.23 20.81
N GLY B 161 20.90 40.60 21.96
CA GLY B 161 21.58 39.61 22.78
C GLY B 161 20.64 38.54 23.30
N THR B 162 19.40 38.90 23.60
CA THR B 162 18.42 37.92 24.04
C THR B 162 18.13 36.90 22.96
N GLU B 163 17.93 37.36 21.72
CA GLU B 163 17.69 36.44 20.61
C GLU B 163 18.92 35.60 20.31
N ARG B 164 20.11 36.18 20.45
CA ARG B 164 21.34 35.41 20.24
C ARG B 164 21.46 34.30 21.27
N MET B 165 21.20 34.61 22.54
CA MET B 165 21.26 33.59 23.57
C MET B 165 20.18 32.52 23.37
N GLU B 166 18.99 32.94 22.92
CA GLU B 166 17.93 31.97 22.66
C GLU B 166 18.32 31.02 21.54
N ASP B 167 18.90 31.55 20.46
CA ASP B 167 19.31 30.70 19.35
C ASP B 167 20.49 29.81 19.73
N GLN B 168 21.38 30.31 20.60
CA GLN B 168 22.51 29.49 21.04
C GLN B 168 22.06 28.38 21.98
N GLY B 169 21.01 28.62 22.77
CA GLY B 169 20.53 27.59 23.67
C GLY B 169 19.59 26.59 23.03
N GLN B 170 18.87 27.02 21.97
CA GLN B 170 17.93 26.11 21.32
C GLN B 170 18.65 24.97 20.60
N SER B 171 19.89 25.20 20.18
CA SER B 171 20.66 24.16 19.51
C SER B 171 21.15 23.15 20.54
N ILE B 172 20.73 21.91 20.40
CA ILE B 172 21.09 20.82 21.31
C ILE B 172 20.73 21.17 22.75
N PRO B 196 8.84 8.16 23.34
CA PRO B 196 9.55 8.19 24.63
C PRO B 196 9.29 6.94 25.46
N GLU B 197 9.55 5.77 24.89
CA GLU B 197 9.34 4.48 25.55
C GLU B 197 7.88 4.35 25.99
N GLU B 198 6.99 4.37 25.00
CA GLU B 198 5.55 4.28 25.25
C GLU B 198 5.08 2.86 25.54
N ILE B 199 6.01 1.91 25.72
CA ILE B 199 5.62 0.54 26.02
C ILE B 199 4.96 0.45 27.39
N ASP B 200 5.40 1.26 28.35
CA ASP B 200 4.82 1.26 29.68
C ASP B 200 3.84 2.40 29.90
N ILE B 201 3.95 3.49 29.15
CA ILE B 201 3.04 4.62 29.32
C ILE B 201 1.61 4.24 28.94
N ALA B 202 1.46 3.57 27.79
CA ALA B 202 0.14 3.14 27.36
C ALA B 202 -0.43 2.09 28.32
N ASP B 203 0.43 1.19 28.82
CA ASP B 203 -0.03 0.19 29.78
C ASP B 203 -0.52 0.84 31.07
N THR B 204 0.22 1.83 31.56
CA THR B 204 -0.20 2.53 32.78
C THR B 204 -1.49 3.32 32.54
N VAL B 205 -1.63 3.91 31.36
CA VAL B 205 -2.84 4.67 31.04
C VAL B 205 -4.04 3.73 30.96
N LEU B 206 -3.84 2.53 30.43
CA LEU B 206 -4.94 1.56 30.35
C LEU B 206 -5.26 0.98 31.72
N ASN B 207 -4.26 0.83 32.59
CA ASN B 207 -4.51 0.28 33.92
C ASN B 207 -5.22 1.29 34.81
N ASP B 208 -4.71 2.52 34.86
CA ASP B 208 -5.33 3.54 35.70
C ASP B 208 -6.61 4.08 35.08
N ASP B 209 -6.50 4.68 33.89
CA ASP B 209 -7.64 5.23 33.15
C ASP B 209 -8.43 6.26 33.96
N ASP B 210 -7.78 6.89 34.95
CA ASP B 210 -8.47 7.87 35.78
C ASP B 210 -7.69 9.19 35.82
N ILE B 211 -6.37 9.10 35.80
CA ILE B 211 -5.52 10.28 35.89
C ILE B 211 -4.71 10.45 34.61
N GLY B 212 -3.90 9.44 34.27
CA GLY B 212 -3.03 9.56 33.11
C GLY B 212 -3.80 9.63 31.81
N ASP B 213 -4.73 8.69 31.60
CA ASP B 213 -5.50 8.68 30.36
C ASP B 213 -6.38 9.93 30.25
N SER B 214 -6.99 10.34 31.36
CA SER B 214 -7.82 11.54 31.34
C SER B 214 -7.00 12.77 31.01
N CYS B 215 -5.81 12.89 31.61
CA CYS B 215 -4.94 14.03 31.31
C CYS B 215 -4.48 14.02 29.86
N HIS B 216 -4.15 12.84 29.33
CA HIS B 216 -3.75 12.74 27.93
C HIS B 216 -4.89 13.15 27.01
N GLU B 217 -6.11 12.68 27.27
CA GLU B 217 -7.25 13.05 26.45
C GLU B 217 -7.53 14.54 26.54
N GLY B 218 -7.41 15.12 27.74
CA GLY B 218 -7.61 16.55 27.87
C GLY B 218 -6.57 17.36 27.13
N PHE B 219 -5.31 16.94 27.19
CA PHE B 219 -4.25 17.65 26.48
C PHE B 219 -4.46 17.55 24.97
N LEU B 220 -4.86 16.37 24.48
CA LEU B 220 -5.11 16.22 23.05
C LEU B 220 -6.30 17.06 22.60
N LEU B 221 -7.36 17.10 23.42
CA LEU B 221 -8.52 17.93 23.06
C LEU B 221 -8.17 19.42 23.10
N ASN B 222 -7.28 19.82 24.00
CA ASN B 222 -6.87 21.22 24.05
C ASN B 222 -5.99 21.58 22.86
N ALA B 223 -5.08 20.69 22.48
CA ALA B 223 -4.23 20.93 21.32
C ALA B 223 -4.94 20.72 20.00
N ILE B 224 -6.15 20.15 20.02
CA ILE B 224 -6.93 19.96 18.81
C ILE B 224 -8.03 21.02 18.73
N SER B 225 -7.83 22.11 19.45
CA SER B 225 -8.79 23.22 19.49
C SER B 225 -8.13 24.48 18.94
N SER B 226 -8.94 25.54 18.82
CA SER B 226 -8.43 26.80 18.30
C SER B 226 -7.51 27.51 19.29
N HIS B 227 -7.59 27.17 20.58
CA HIS B 227 -6.74 27.83 21.57
C HIS B 227 -5.29 27.35 21.47
N LEU B 228 -5.08 26.09 21.09
CA LEU B 228 -3.76 25.50 20.97
C LEU B 228 -3.63 24.76 19.64
N GLN B 229 -4.02 25.43 18.56
CA GLN B 229 -4.02 24.80 17.23
C GLN B 229 -2.62 24.41 16.80
N THR B 230 -1.59 25.13 17.26
CA THR B 230 -0.20 24.84 16.88
C THR B 230 0.65 24.76 18.14
N CYS B 231 0.67 23.57 18.74
CA CYS B 231 1.56 23.24 19.86
C CYS B 231 1.49 24.28 20.98
N GLY B 232 0.32 24.38 21.59
CA GLY B 232 0.13 25.33 22.67
C GLY B 232 0.39 24.74 24.05
N CYS B 233 1.61 24.95 24.56
CA CYS B 233 2.00 24.48 25.88
C CYS B 233 3.33 25.11 26.28
N SER B 234 3.43 25.62 27.52
CA SER B 234 4.66 26.23 27.99
C SER B 234 5.29 25.45 29.14
N VAL B 235 4.57 25.25 30.24
CA VAL B 235 5.10 24.55 31.40
C VAL B 235 3.96 24.20 32.34
N VAL B 236 4.13 23.13 33.13
CA VAL B 236 3.11 22.74 34.10
C VAL B 236 3.73 22.69 35.49
N VAL B 237 4.65 21.76 35.70
CA VAL B 237 5.27 21.56 37.00
C VAL B 237 6.49 20.66 36.87
N GLY B 238 7.45 20.80 37.78
CA GLY B 238 8.60 19.91 37.81
C GLY B 238 9.50 20.05 36.60
N SER B 239 10.33 19.03 36.41
CA SER B 239 11.29 19.00 35.31
C SER B 239 11.14 17.76 34.44
N SER B 240 10.09 16.96 34.65
CA SER B 240 9.86 15.75 33.86
C SER B 240 9.38 16.17 32.47
N ALA B 241 10.30 16.14 31.50
CA ALA B 241 9.99 16.49 30.12
C ALA B 241 9.56 15.30 29.28
N GLU B 242 9.10 14.22 29.92
CA GLU B 242 8.66 13.06 29.16
C GLU B 242 7.34 13.31 28.46
N LYS B 243 6.39 13.95 29.15
CA LYS B 243 5.10 14.23 28.55
C LYS B 243 5.22 15.24 27.41
N VAL B 244 6.16 16.19 27.52
CA VAL B 244 6.36 17.16 26.45
C VAL B 244 6.85 16.46 25.19
N ASN B 245 7.84 15.58 25.33
CA ASN B 245 8.34 14.83 24.18
C ASN B 245 7.28 13.89 23.62
N LYS B 246 6.45 13.32 24.50
CA LYS B 246 5.37 12.44 24.04
C LYS B 246 4.35 13.22 23.22
N ILE B 247 3.98 14.42 23.68
CA ILE B 247 3.02 15.23 22.92
C ILE B 247 3.66 15.77 21.64
N VAL B 248 4.98 15.94 21.64
CA VAL B 248 5.65 16.43 20.44
C VAL B 248 5.70 15.34 19.36
N ARG B 249 6.21 14.17 19.72
CA ARG B 249 6.36 13.06 18.77
C ARG B 249 5.09 12.21 18.70
N THR B 250 3.95 12.87 18.47
CA THR B 250 2.66 12.19 18.36
C THR B 250 1.69 13.14 17.68
N LEU B 251 0.40 12.79 17.71
CA LEU B 251 -0.62 13.63 17.11
C LEU B 251 -0.75 14.95 17.86
N CYS B 252 -1.56 15.85 17.30
CA CYS B 252 -1.81 17.17 17.87
C CYS B 252 -0.52 17.97 18.02
N LEU B 253 0.37 17.83 17.03
CA LEU B 253 1.65 18.53 17.03
C LEU B 253 1.94 18.99 15.60
N PHE B 254 3.07 19.67 15.43
CA PHE B 254 3.47 20.17 14.12
C PHE B 254 4.05 19.05 13.27
N CYS B 262 8.36 20.97 10.07
CA CYS B 262 9.33 20.23 10.87
C CYS B 262 8.90 18.79 11.06
N SER B 263 7.66 18.48 10.68
CA SER B 263 7.08 17.15 10.79
C SER B 263 7.15 16.63 12.23
N ARG B 264 6.92 17.54 13.19
CA ARG B 264 6.93 17.22 14.61
C ARG B 264 8.26 16.59 15.04
N LEU B 265 9.36 17.15 14.54
CA LEU B 265 10.69 16.66 14.88
C LEU B 265 11.60 17.80 15.33
N CYS B 266 11.30 19.01 14.87
CA CYS B 266 12.11 20.19 15.20
C CYS B 266 11.23 21.30 15.79
N GLU B 267 10.12 20.93 16.41
CA GLU B 267 9.22 21.90 17.02
C GLU B 267 9.53 22.12 18.50
N ALA B 268 9.61 21.03 19.27
CA ALA B 268 9.93 21.11 20.69
C ALA B 268 11.45 21.06 20.88
N GLU B 269 11.98 22.02 21.62
CA GLU B 269 13.43 22.13 21.82
C GLU B 269 13.69 22.92 23.09
N SER B 270 14.92 23.38 23.26
CA SER B 270 15.36 24.12 24.42
C SER B 270 14.93 25.58 24.33
N SER B 271 15.53 26.44 25.17
CA SER B 271 15.17 27.85 25.28
C SER B 271 13.73 28.01 25.78
N PHE B 272 13.53 27.52 27.01
CA PHE B 272 12.22 27.58 27.67
C PHE B 272 11.98 28.96 28.27
N LYS B 273 11.00 29.05 29.17
CA LYS B 273 10.64 30.29 29.85
C LYS B 273 10.16 31.36 28.87
N TYR B 274 9.04 31.06 28.21
CA TYR B 274 8.32 32.00 27.36
C TYR B 274 9.18 32.46 26.18
N GLU B 275 9.56 31.50 25.35
CA GLU B 275 10.28 31.80 24.12
C GLU B 275 9.35 32.44 23.09
N SER B 276 9.90 32.72 21.92
CA SER B 276 9.10 33.31 20.84
C SER B 276 8.08 32.31 20.31
N GLY B 277 8.56 31.17 19.81
CA GLY B 277 7.67 30.14 19.31
C GLY B 277 8.32 28.77 19.30
N LEU B 278 7.63 27.79 19.88
CA LEU B 278 8.12 26.43 19.97
C LEU B 278 6.96 25.52 20.33
N PHE B 279 7.27 24.25 20.64
CA PHE B 279 6.26 23.28 21.01
C PHE B 279 6.31 22.87 22.48
N VAL B 280 7.43 23.08 23.15
CA VAL B 280 7.57 22.69 24.55
C VAL B 280 8.63 23.57 25.20
N GLN B 281 8.35 24.01 26.42
CA GLN B 281 9.25 24.85 27.20
C GLN B 281 9.35 24.32 28.63
N GLY B 282 9.56 23.01 28.76
CA GLY B 282 9.57 22.36 30.05
C GLY B 282 10.81 22.64 30.88
N LEU B 283 10.96 23.87 31.34
CA LEU B 283 12.08 24.22 32.20
C LEU B 283 11.90 23.61 33.59
N LEU B 284 12.97 23.67 34.39
CA LEU B 284 12.97 23.12 35.74
C LEU B 284 12.30 24.12 36.69
N LYS B 285 10.98 24.23 36.55
CA LYS B 285 10.18 25.12 37.38
C LYS B 285 9.72 24.35 38.61
N ASP B 286 10.47 24.47 39.69
CA ASP B 286 10.17 23.78 40.93
C ASP B 286 9.56 24.69 42.00
N SER B 287 9.52 26.00 41.76
CA SER B 287 8.97 26.96 42.72
C SER B 287 7.69 27.61 42.23
N THR B 288 7.70 28.18 41.03
CA THR B 288 6.52 28.81 40.46
C THR B 288 6.56 28.66 38.95
N GLY B 289 5.72 29.43 38.26
CA GLY B 289 5.67 29.37 36.80
C GLY B 289 6.85 30.03 36.10
N SER B 290 7.67 30.78 36.84
CA SER B 290 8.84 31.46 36.28
C SER B 290 8.46 32.42 35.16
N PHE B 291 7.25 32.98 35.22
CA PHE B 291 6.78 33.92 34.21
C PHE B 291 5.64 34.72 34.79
N VAL B 292 5.42 35.91 34.22
CA VAL B 292 4.37 36.81 34.66
C VAL B 292 3.11 36.53 33.85
N LEU B 293 2.00 36.27 34.56
CA LEU B 293 0.74 35.99 33.86
C LEU B 293 0.22 37.19 33.10
N PRO B 294 0.19 38.42 33.65
CA PRO B 294 -0.23 39.56 32.83
C PRO B 294 0.69 39.82 31.65
N PHE B 295 2.00 39.64 31.82
CA PHE B 295 2.93 39.83 30.71
C PHE B 295 2.68 38.80 29.62
N ARG B 296 2.41 37.55 30.00
CA ARG B 296 2.13 36.52 29.00
C ARG B 296 0.78 36.76 28.32
N GLN B 297 -0.19 37.31 29.05
CA GLN B 297 -1.50 37.58 28.47
C GLN B 297 -1.53 38.84 27.62
N VAL B 298 -0.56 39.74 27.80
CA VAL B 298 -0.50 40.95 27.00
C VAL B 298 0.55 40.87 25.88
N MET B 299 1.46 39.90 25.93
CA MET B 299 2.52 39.82 24.93
C MET B 299 2.06 39.11 23.66
N TYR B 300 1.68 37.83 23.78
CA TYR B 300 1.34 37.02 22.62
C TYR B 300 0.12 36.15 22.86
N ALA B 301 -0.85 36.63 23.64
CA ALA B 301 -2.06 35.86 23.87
C ALA B 301 -2.89 35.63 22.61
N PRO B 302 -3.12 36.63 21.73
CA PRO B 302 -3.87 36.33 20.49
C PRO B 302 -3.06 35.47 19.53
N TYR B 303 -2.92 34.19 19.86
CA TYR B 303 -2.13 33.26 19.07
C TYR B 303 -2.56 31.84 19.44
N PRO B 304 -2.39 30.88 18.53
CA PRO B 304 -2.78 29.50 18.84
C PRO B 304 -1.85 28.86 19.87
N THR B 305 -1.92 29.32 21.12
CA THR B 305 -1.12 28.79 22.19
C THR B 305 -1.93 28.80 23.48
N THR B 306 -1.66 27.82 24.35
CA THR B 306 -2.38 27.68 25.60
C THR B 306 -1.42 27.19 26.68
N HIS B 307 -1.87 27.25 27.93
CA HIS B 307 -1.09 26.80 29.08
C HIS B 307 -1.67 25.47 29.54
N ILE B 308 -1.16 24.38 28.98
CA ILE B 308 -1.64 23.05 29.30
C ILE B 308 -0.99 22.63 30.62
N ASP B 309 -1.73 22.75 31.71
CA ASP B 309 -1.24 22.36 33.04
C ASP B 309 -1.50 20.86 33.22
N VAL B 310 -0.44 20.07 33.17
CA VAL B 310 -0.54 18.62 33.27
C VAL B 310 0.08 18.16 34.58
N ASP B 311 0.03 19.02 35.60
CA ASP B 311 0.54 18.65 36.91
C ASP B 311 -0.22 17.46 37.48
N VAL B 312 -1.52 17.65 37.73
CA VAL B 312 -2.37 16.55 38.18
C VAL B 312 -3.54 16.40 37.22
N ASN B 313 -4.37 17.44 37.13
CA ASN B 313 -5.51 17.43 36.21
C ASN B 313 -5.96 18.88 36.00
N THR B 314 -5.76 19.40 34.79
CA THR B 314 -6.15 20.77 34.49
C THR B 314 -6.20 20.95 32.98
N VAL B 315 -7.31 21.49 32.49
CA VAL B 315 -7.46 21.77 31.06
C VAL B 315 -6.89 23.15 30.77
N LYS B 316 -6.63 23.40 29.49
CA LYS B 316 -6.09 24.67 29.03
C LYS B 316 -7.16 25.46 28.29
N GLN B 317 -6.88 26.74 28.07
CA GLN B 317 -7.78 27.64 27.37
C GLN B 317 -6.98 28.82 26.85
N MET B 318 -7.68 29.83 26.34
CA MET B 318 -7.04 31.05 25.82
C MET B 318 -7.92 32.24 26.16
N PRO B 319 -7.68 32.87 27.31
CA PRO B 319 -8.47 34.04 27.75
C PRO B 319 -8.17 35.29 26.92
N ASP B 374 -12.85 20.64 25.73
CA ASP B 374 -13.98 20.19 24.93
C ASP B 374 -13.71 18.83 24.29
N THR B 375 -14.57 17.86 24.58
CA THR B 375 -14.40 16.53 24.02
C THR B 375 -14.70 16.53 22.53
N LEU B 376 -14.04 15.61 21.82
CA LEU B 376 -14.20 15.52 20.37
C LEU B 376 -13.99 14.05 19.97
N VAL B 377 -13.83 13.81 18.67
CA VAL B 377 -13.61 12.46 18.17
C VAL B 377 -12.22 11.93 18.52
N LYS B 378 -11.33 12.79 19.00
CA LYS B 378 -9.98 12.34 19.36
C LYS B 378 -10.00 11.42 20.58
N ALA B 379 -11.07 11.42 21.36
CA ALA B 379 -11.15 10.52 22.51
C ALA B 379 -11.18 9.06 22.08
N PHE B 380 -11.79 8.77 20.93
CA PHE B 380 -11.79 7.40 20.42
C PHE B 380 -10.38 6.95 20.08
N LEU B 381 -9.55 7.86 19.57
CA LEU B 381 -8.17 7.51 19.27
C LEU B 381 -7.40 7.13 20.53
N ASP B 382 -7.58 7.91 21.60
CA ASP B 382 -6.90 7.60 22.86
C ASP B 382 -7.44 6.30 23.45
N GLN B 383 -8.75 6.06 23.33
CA GLN B 383 -9.32 4.81 23.81
C GLN B 383 -8.74 3.62 23.05
N VAL B 384 -8.58 3.76 21.74
CA VAL B 384 -7.99 2.68 20.94
C VAL B 384 -6.52 2.48 21.32
N PHE B 385 -5.79 3.58 21.56
CA PHE B 385 -4.40 3.46 22.00
C PHE B 385 -4.30 2.72 23.33
N GLN B 386 -5.23 3.00 24.25
CA GLN B 386 -5.18 2.35 25.56
C GLN B 386 -5.60 0.89 25.46
N LEU B 387 -6.60 0.57 24.64
CA LEU B 387 -7.10 -0.79 24.53
C LEU B 387 -6.27 -1.66 23.59
N LYS B 388 -5.34 -1.08 22.84
CA LYS B 388 -4.51 -1.85 21.94
C LYS B 388 -3.25 -2.30 22.68
N PRO B 389 -3.06 -3.60 22.92
CA PRO B 389 -1.84 -4.06 23.61
C PRO B 389 -0.62 -3.96 22.70
N GLY B 390 0.53 -4.40 23.21
CA GLY B 390 1.74 -4.33 22.43
C GLY B 390 2.60 -3.12 22.77
N LEU B 391 2.47 -2.07 21.96
CA LEU B 391 3.18 -0.80 22.08
C LEU B 391 4.68 -0.93 21.80
N SER B 392 5.13 -2.09 21.32
CA SER B 392 6.53 -2.23 20.92
C SER B 392 6.76 -1.71 19.51
N LEU B 393 5.77 -1.86 18.62
CA LEU B 393 5.84 -1.35 17.26
C LEU B 393 4.53 -0.68 16.88
N ARG B 394 3.92 0.02 17.84
CA ARG B 394 2.63 0.67 17.64
C ARG B 394 2.75 2.01 16.91
N SER B 395 3.93 2.35 16.40
CA SER B 395 4.09 3.60 15.66
C SER B 395 3.33 3.60 14.34
N THR B 396 3.06 2.41 13.77
CA THR B 396 2.33 2.35 12.51
C THR B 396 0.91 2.87 12.67
N PHE B 397 0.27 2.60 13.81
CA PHE B 397 -1.10 3.04 14.01
C PHE B 397 -1.17 4.56 14.13
N LEU B 398 -0.28 5.17 14.90
CA LEU B 398 -0.27 6.63 14.99
C LEU B 398 0.13 7.27 13.67
N ALA B 399 1.02 6.61 12.90
CA ALA B 399 1.35 7.11 11.58
C ALA B 399 0.13 7.10 10.66
N GLN B 400 -0.64 6.01 10.68
CA GLN B 400 -1.86 5.95 9.88
C GLN B 400 -2.89 6.97 10.35
N PHE B 401 -2.95 7.22 11.66
CA PHE B 401 -3.88 8.24 12.17
C PHE B 401 -3.50 9.62 11.68
N LEU B 402 -2.20 9.96 11.75
CA LEU B 402 -1.75 11.22 11.21
C LEU B 402 -2.00 11.31 9.71
N LEU B 403 -1.85 10.19 9.01
CA LEU B 403 -2.08 10.17 7.56
C LEU B 403 -3.54 10.47 7.24
N VAL B 404 -4.47 9.79 7.91
CA VAL B 404 -5.88 10.02 7.62
C VAL B 404 -6.31 11.41 8.08
N LEU B 405 -5.69 11.93 9.15
CA LEU B 405 -6.00 13.30 9.58
C LEU B 405 -5.55 14.30 8.52
N HIS B 406 -4.34 14.13 7.98
CA HIS B 406 -3.87 15.03 6.93
C HIS B 406 -4.71 14.89 5.66
N ARG B 407 -5.16 13.67 5.37
CA ARG B 407 -6.01 13.47 4.20
C ARG B 407 -7.35 14.18 4.36
N LYS B 408 -7.94 14.10 5.56
CA LYS B 408 -9.20 14.80 5.82
C LYS B 408 -8.99 16.31 5.76
N ALA B 409 -7.86 16.80 6.27
CA ALA B 409 -7.57 18.23 6.20
C ALA B 409 -7.43 18.69 4.74
N LEU B 410 -6.74 17.90 3.92
CA LEU B 410 -6.60 18.23 2.51
C LEU B 410 -7.94 18.19 1.79
N THR B 411 -8.79 17.21 2.12
CA THR B 411 -10.12 17.15 1.53
C THR B 411 -10.94 18.38 1.90
N LEU B 412 -10.86 18.79 3.17
CA LEU B 412 -11.61 19.97 3.60
C LEU B 412 -11.10 21.23 2.91
N ILE B 413 -9.78 21.40 2.80
CA ILE B 413 -9.25 22.60 2.17
C ILE B 413 -9.55 22.60 0.68
N LYS B 414 -9.60 21.42 0.04
CA LYS B 414 -9.97 21.36 -1.36
C LYS B 414 -11.44 21.69 -1.56
N TYR B 415 -12.30 21.19 -0.67
CA TYR B 415 -13.73 21.50 -0.75
C TYR B 415 -13.98 22.99 -0.51
N ILE B 416 -13.14 23.63 0.31
CA ILE B 416 -13.29 25.06 0.52
C ILE B 416 -12.77 25.83 -0.70
N GLU B 417 -11.66 25.37 -1.28
CA GLU B 417 -11.05 26.11 -2.39
C GLU B 417 -11.88 26.01 -3.66
N ASP B 418 -12.51 24.86 -3.92
CA ASP B 418 -13.31 24.74 -5.13
C ASP B 418 -14.60 25.55 -5.06
N ASP B 419 -14.93 26.12 -3.90
CA ASP B 419 -16.09 26.98 -3.74
C ASP B 419 -15.73 28.45 -3.56
N THR B 420 -14.57 28.74 -2.96
CA THR B 420 -14.14 30.12 -2.77
C THR B 420 -13.27 30.62 -3.93
N GLN B 421 -13.02 29.79 -4.94
CA GLN B 421 -12.17 30.21 -6.05
C GLN B 421 -12.84 31.31 -6.87
N LYS B 422 -14.17 31.36 -6.89
CA LYS B 422 -14.88 32.37 -7.65
C LYS B 422 -14.79 33.76 -7.01
N GLY B 423 -14.36 33.85 -5.76
CA GLY B 423 -14.24 35.13 -5.08
C GLY B 423 -15.50 35.63 -4.43
N LYS B 424 -16.60 34.89 -4.53
CA LYS B 424 -17.85 35.33 -3.91
C LYS B 424 -17.78 35.17 -2.41
N LYS B 425 -18.10 36.24 -1.68
CA LYS B 425 -18.08 36.17 -0.21
C LYS B 425 -19.23 35.36 0.35
N PRO B 426 -20.49 35.58 -0.04
CA PRO B 426 -21.58 34.74 0.53
C PRO B 426 -21.48 33.28 0.14
N PHE B 427 -20.72 32.94 -0.91
CA PHE B 427 -20.59 31.54 -1.30
C PHE B 427 -19.79 30.74 -0.27
N LYS B 428 -18.90 31.40 0.46
CA LYS B 428 -18.11 30.70 1.47
C LYS B 428 -18.98 30.30 2.66
N SER B 429 -19.94 31.13 3.04
CA SER B 429 -20.82 30.80 4.16
C SER B 429 -21.70 29.60 3.83
N LEU B 430 -22.26 29.56 2.63
CA LEU B 430 -23.07 28.41 2.24
C LEU B 430 -22.25 27.14 2.18
N ARG B 431 -20.99 27.25 1.70
CA ARG B 431 -20.12 26.08 1.66
C ARG B 431 -19.79 25.58 3.07
N ASN B 432 -19.50 26.51 3.99
CA ASN B 432 -19.21 26.12 5.36
C ASN B 432 -20.44 25.53 6.04
N LEU B 433 -21.63 26.00 5.68
CA LEU B 433 -22.85 25.43 6.27
C LEU B 433 -23.14 24.04 5.71
N LYS B 434 -22.88 23.83 4.42
CA LYS B 434 -23.12 22.54 3.81
C LYS B 434 -22.05 21.51 4.15
N ILE B 435 -20.85 21.95 4.52
CA ILE B 435 -19.80 21.02 4.89
C ILE B 435 -20.11 20.31 6.21
N ASP B 436 -21.02 20.86 7.02
CA ASP B 436 -21.37 20.22 8.28
C ASP B 436 -22.09 18.89 8.07
N LEU B 437 -22.75 18.69 6.93
CA LEU B 437 -23.43 17.43 6.68
C LEU B 437 -22.44 16.32 6.38
N ASP B 438 -21.38 16.62 5.63
CA ASP B 438 -20.35 15.65 5.29
C ASP B 438 -19.29 15.50 6.37
N LEU B 439 -19.31 16.35 7.40
CA LEU B 439 -18.35 16.27 8.48
C LEU B 439 -18.91 15.47 9.64
N THR B 440 -18.10 14.55 10.16
CA THR B 440 -18.51 13.71 11.26
C THR B 440 -18.45 14.51 12.56
N ALA B 441 -19.60 14.67 13.21
CA ALA B 441 -19.71 15.43 14.46
C ALA B 441 -19.16 16.84 14.29
N GLU B 442 -19.68 17.58 13.33
CA GLU B 442 -19.23 18.95 13.04
C GLU B 442 -19.38 19.79 14.32
N GLY B 443 -18.54 20.81 14.47
CA GLY B 443 -18.59 21.61 15.68
C GLY B 443 -17.45 21.25 16.62
N ASP B 444 -17.75 20.47 17.65
CA ASP B 444 -16.74 20.10 18.64
C ASP B 444 -15.63 19.26 18.02
N LEU B 445 -15.98 18.28 17.18
CA LEU B 445 -14.96 17.43 16.59
C LEU B 445 -14.32 18.08 15.37
N ASN B 446 -15.04 18.97 14.70
CA ASN B 446 -14.52 19.68 13.53
C ASN B 446 -13.58 20.81 13.89
N ILE B 447 -13.31 21.02 15.18
CA ILE B 447 -12.41 22.10 15.58
C ILE B 447 -10.99 21.83 15.09
N ILE B 448 -10.53 20.58 15.22
CA ILE B 448 -9.18 20.24 14.76
C ILE B 448 -9.09 20.34 13.24
N MET B 449 -10.15 19.95 12.54
CA MET B 449 -10.15 20.07 11.08
C MET B 449 -10.10 21.53 10.65
N ALA B 450 -10.87 22.39 11.31
CA ALA B 450 -10.83 23.81 11.00
C ALA B 450 -9.47 24.41 11.32
N LEU B 451 -8.86 24.00 12.43
CA LEU B 451 -7.54 24.49 12.78
C LEU B 451 -6.50 24.08 11.74
N ALA B 452 -6.58 22.83 11.26
CA ALA B 452 -5.64 22.39 10.23
C ALA B 452 -5.87 23.12 8.92
N GLU B 453 -7.14 23.33 8.54
CA GLU B 453 -7.44 24.03 7.30
C GLU B 453 -7.10 25.51 7.38
N LYS B 454 -7.02 26.07 8.59
CA LYS B 454 -6.59 27.46 8.73
C LYS B 454 -5.08 27.60 8.87
N ILE B 455 -4.40 26.57 9.35
CA ILE B 455 -2.95 26.62 9.51
C ILE B 455 -2.19 26.13 8.28
N LYS B 456 -2.86 25.40 7.37
CA LYS B 456 -2.17 24.93 6.18
C LYS B 456 -1.79 26.07 5.24
N PRO B 457 -2.71 26.97 4.84
CA PRO B 457 -2.29 28.06 3.95
C PRO B 457 -1.45 29.12 4.65
N GLY B 458 -1.68 29.34 5.95
CA GLY B 458 -0.93 30.36 6.65
C GLY B 458 0.54 30.01 6.85
N LEU B 459 0.84 28.72 6.96
CA LEU B 459 2.22 28.28 7.14
C LEU B 459 3.01 28.40 5.84
N PHE B 464 -10.08 38.97 -3.88
CA PHE B 464 -11.13 38.91 -2.87
C PHE B 464 -11.32 37.50 -2.37
N GLY B 465 -11.04 36.52 -3.24
CA GLY B 465 -11.23 35.13 -2.85
C GLY B 465 -10.31 34.71 -1.71
N ARG B 466 -9.03 35.05 -1.80
CA ARG B 466 -8.07 34.72 -0.76
C ARG B 466 -8.37 35.46 0.54
N PRO B 467 -8.66 36.77 0.52
CA PRO B 467 -9.08 37.42 1.77
C PRO B 467 -10.35 36.82 2.37
N PHE B 468 -11.33 36.46 1.53
CA PHE B 468 -12.55 35.84 2.05
C PHE B 468 -12.25 34.49 2.69
N TYR B 469 -11.42 33.67 2.04
CA TYR B 469 -11.04 32.38 2.62
C TYR B 469 -10.28 32.56 3.92
N THR B 470 -9.41 33.57 3.99
CA THR B 470 -8.68 33.83 5.23
C THR B 470 -9.61 34.27 6.34
N SER B 471 -10.57 35.15 6.03
CA SER B 471 -11.53 35.59 7.04
C SER B 471 -12.44 34.45 7.49
N VAL B 472 -12.74 33.49 6.59
CA VAL B 472 -13.56 32.35 6.98
C VAL B 472 -12.77 31.41 7.87
N GLN B 473 -11.53 31.09 7.49
CA GLN B 473 -10.72 30.18 8.27
C GLN B 473 -10.25 30.79 9.59
N GLU B 474 -10.25 32.12 9.70
CA GLU B 474 -9.85 32.81 10.93
C GLU B 474 -10.88 33.88 11.23
N ARG B 475 -11.79 33.57 12.16
CA ARG B 475 -12.84 34.50 12.57
C ARG B 475 -12.67 35.04 13.97
N ASP B 476 -12.09 34.26 14.89
CA ASP B 476 -11.88 34.70 16.26
C ASP B 476 -10.40 34.91 16.57
N VAL B 477 -9.52 34.77 15.57
CA VAL B 477 -8.09 34.94 15.76
C VAL B 477 -7.62 36.24 15.11
N LEU B 478 -8.54 37.16 14.84
CA LEU B 478 -8.22 38.43 14.20
C LEU B 478 -8.33 39.62 15.15
N MET B 479 -8.71 39.40 16.40
CA MET B 479 -8.84 40.48 17.38
C MET B 479 -7.51 40.75 18.10
N THR B 480 -6.46 41.00 17.32
CA THR B 480 -5.13 41.27 17.85
C THR B 480 -4.72 42.73 17.66
N PHE B 481 -5.65 43.60 17.30
CA PHE B 481 -5.34 45.02 17.08
C PHE B 481 -5.16 45.74 18.42
N SER C 54 0.64 39.49 -11.55
CA SER C 54 1.20 38.15 -11.73
C SER C 54 2.71 38.22 -11.96
N ARG C 55 3.33 37.07 -12.17
CA ARG C 55 4.76 37.00 -12.40
C ARG C 55 5.08 35.73 -13.19
N ASP C 56 6.13 35.79 -13.98
CA ASP C 56 6.56 34.66 -14.79
C ASP C 56 7.60 33.85 -14.02
N PHE C 57 7.36 32.55 -13.92
CA PHE C 57 8.27 31.65 -13.20
C PHE C 57 9.35 31.09 -14.12
N ILE C 58 10.08 31.99 -14.79
CA ILE C 58 11.14 31.60 -15.69
C ILE C 58 12.46 32.17 -15.19
N LEU C 59 12.54 33.50 -15.08
CA LEU C 59 13.74 34.18 -14.61
C LEU C 59 14.92 33.96 -15.56
N ILE C 60 14.70 34.33 -16.82
CA ILE C 60 15.73 34.20 -17.86
C ILE C 60 16.49 35.51 -17.88
N SER C 61 17.54 35.58 -17.05
CA SER C 61 18.38 36.78 -16.97
C SER C 61 19.80 36.34 -16.67
N GLU C 62 20.62 36.25 -17.73
CA GLU C 62 22.00 35.82 -17.60
C GLU C 62 23.00 36.87 -18.04
N PHE C 63 22.54 38.03 -18.53
CA PHE C 63 23.43 39.09 -18.99
C PHE C 63 23.30 40.35 -18.15
N SER C 64 22.08 40.85 -17.96
CA SER C 64 21.81 42.06 -17.18
C SER C 64 22.62 43.26 -17.71
N GLU C 65 22.71 43.36 -19.03
CA GLU C 65 23.45 44.45 -19.66
C GLU C 65 22.86 44.78 -21.03
N THR C 74 17.25 38.65 -20.04
CA THR C 74 18.28 38.38 -21.03
C THR C 74 17.94 37.13 -21.84
N ILE C 75 16.85 36.47 -21.48
CA ILE C 75 16.39 35.26 -22.17
C ILE C 75 14.89 35.13 -21.98
N PRO C 76 14.11 35.07 -23.05
CA PRO C 76 12.65 34.94 -22.89
C PRO C 76 12.24 33.57 -22.38
N ASN C 77 11.83 33.50 -21.12
CA ASN C 77 11.37 32.26 -20.50
C ASN C 77 9.90 32.31 -20.12
N ASP C 78 9.49 33.31 -19.35
CA ASP C 78 8.09 33.46 -18.95
C ASP C 78 7.88 34.90 -18.50
N THR C 79 6.96 35.60 -19.15
CA THR C 79 6.70 37.00 -18.81
C THR C 79 5.30 37.35 -19.26
N LYS C 80 4.47 37.85 -18.34
CA LYS C 80 3.12 38.30 -18.64
C LYS C 80 2.77 39.65 -18.06
N VAL C 81 3.64 40.23 -17.22
CA VAL C 81 3.41 41.53 -16.59
C VAL C 81 4.60 42.43 -16.92
N PHE C 82 4.32 43.71 -17.17
CA PHE C 82 5.39 44.65 -17.49
C PHE C 82 6.41 44.75 -16.37
N GLY C 83 5.98 44.57 -15.12
CA GLY C 83 6.91 44.59 -14.01
C GLY C 83 7.83 43.39 -13.95
N THR C 84 7.49 42.32 -14.66
CA THR C 84 8.35 41.13 -14.67
C THR C 84 9.74 41.45 -15.19
N PHE C 85 9.83 41.86 -16.45
CA PHE C 85 11.10 42.31 -17.01
C PHE C 85 11.31 43.81 -16.76
N ASP C 86 11.00 44.20 -15.52
CA ASP C 86 11.44 45.45 -14.93
C ASP C 86 12.02 45.26 -13.53
N LEU C 87 11.63 44.20 -12.82
CA LEU C 87 12.30 43.78 -11.59
C LEU C 87 13.28 42.65 -11.83
N ASN C 88 13.19 41.94 -12.96
CA ASN C 88 14.17 40.89 -13.25
C ASN C 88 15.56 41.46 -13.43
N TYR C 89 15.66 42.62 -14.12
CA TYR C 89 16.96 43.25 -14.29
C TYR C 89 17.55 43.70 -12.95
N PHE C 90 16.70 44.24 -12.08
CA PHE C 90 17.17 44.66 -10.75
C PHE C 90 17.64 43.46 -9.94
N SER C 91 16.89 42.36 -10.00
CA SER C 91 17.29 41.14 -9.28
C SER C 91 18.62 40.61 -9.82
N LEU C 92 18.78 40.60 -11.15
CA LEU C 92 20.04 40.13 -11.73
C LEU C 92 21.20 41.03 -11.33
N ARG C 93 20.98 42.35 -11.30
CA ARG C 93 22.04 43.26 -10.90
C ARG C 93 22.41 43.08 -9.44
N ILE C 94 21.41 42.87 -8.58
CA ILE C 94 21.68 42.66 -7.16
C ILE C 94 22.40 41.33 -6.94
N MET C 95 22.10 40.32 -7.76
CA MET C 95 22.77 39.03 -7.63
C MET C 95 24.20 39.11 -8.14
N SER C 96 24.44 39.86 -9.22
CA SER C 96 25.78 40.01 -9.77
C SER C 96 26.64 41.00 -9.02
N VAL C 97 26.05 41.85 -8.17
CA VAL C 97 26.82 42.81 -7.41
C VAL C 97 27.72 42.11 -6.40
N ASP C 98 27.17 41.14 -5.68
CA ASP C 98 27.91 40.37 -4.68
C ASP C 98 28.41 39.05 -5.23
N TYR C 99 28.51 38.92 -6.56
CA TYR C 99 28.95 37.70 -7.26
C TYR C 99 28.42 36.41 -6.62
N GLU C 119 32.83 30.44 -8.20
CA GLU C 119 31.96 30.58 -7.04
C GLU C 119 30.56 30.05 -7.34
N ASP C 120 29.80 29.77 -6.29
CA ASP C 120 28.44 29.25 -6.44
C ASP C 120 27.62 29.79 -5.26
N SER C 121 26.88 30.86 -5.51
CA SER C 121 26.07 31.51 -4.49
C SER C 121 24.60 31.44 -4.88
N LYS C 122 23.73 31.62 -3.88
CA LYS C 122 22.29 31.59 -4.09
C LYS C 122 21.63 32.41 -2.99
N VAL C 123 20.95 33.49 -3.36
CA VAL C 123 20.34 34.40 -2.40
C VAL C 123 19.03 34.90 -2.97
N VAL C 124 18.05 35.11 -2.07
CA VAL C 124 16.75 35.67 -2.42
C VAL C 124 16.53 36.85 -1.46
N LEU C 125 16.91 38.05 -1.90
CA LEU C 125 16.87 39.25 -1.07
C LEU C 125 15.68 40.10 -1.49
N GLY C 126 14.53 39.85 -0.87
CA GLY C 126 13.34 40.63 -1.12
C GLY C 126 12.86 40.57 -2.56
N ASP C 127 11.98 41.51 -2.88
CA ASP C 127 11.39 41.62 -4.21
C ASP C 127 10.69 42.97 -4.31
N SER C 128 10.03 43.18 -5.44
CA SER C 128 9.29 44.42 -5.70
C SER C 128 8.13 44.08 -6.63
N LYS C 129 7.53 45.12 -7.21
CA LYS C 129 6.43 44.98 -8.17
C LYS C 129 5.25 44.23 -7.55
N GLU C 130 4.67 44.84 -6.50
CA GLU C 130 3.50 44.31 -5.82
C GLU C 130 3.76 42.92 -5.25
N GLY C 131 4.92 42.74 -4.63
CA GLY C 131 5.27 41.48 -3.98
C GLY C 131 5.47 40.33 -4.95
N ALA C 132 6.35 40.51 -5.93
CA ALA C 132 6.69 39.46 -6.89
C ALA C 132 7.94 38.74 -6.38
N PHE C 133 7.73 37.91 -5.36
CA PHE C 133 8.85 37.22 -4.71
C PHE C 133 9.59 36.33 -5.70
N ALA C 134 10.91 36.44 -5.71
CA ALA C 134 11.76 35.67 -6.61
C ALA C 134 12.93 35.08 -5.82
N TYR C 135 13.78 34.35 -6.51
CA TYR C 135 14.95 33.72 -5.89
C TYR C 135 16.02 33.57 -6.96
N VAL C 136 17.10 34.34 -6.82
CA VAL C 136 18.20 34.30 -7.79
C VAL C 136 19.18 33.21 -7.38
N HIS C 137 19.89 32.67 -8.38
CA HIS C 137 20.89 31.61 -8.16
C HIS C 137 22.09 31.92 -9.05
N HIS C 138 23.08 32.61 -8.48
CA HIS C 138 24.28 32.97 -9.23
C HIS C 138 24.48 34.48 -9.26
N ARG C 147 35.60 41.20 -21.48
CA ARG C 147 36.57 41.90 -20.64
C ARG C 147 37.22 40.96 -19.63
N GLY C 148 36.39 40.29 -18.83
CA GLY C 148 36.86 39.37 -17.83
C GLY C 148 37.10 37.98 -18.41
N PHE C 149 37.42 37.06 -17.50
CA PHE C 149 37.68 35.68 -17.88
C PHE C 149 36.43 34.81 -17.85
N VAL C 150 35.45 35.17 -17.01
CA VAL C 150 34.21 34.41 -16.90
C VAL C 150 33.04 35.36 -17.20
N ARG C 151 31.86 34.75 -17.40
CA ARG C 151 30.65 35.49 -17.69
C ARG C 151 29.65 35.28 -16.56
N PRO C 152 29.22 36.33 -15.87
CA PRO C 152 28.26 36.16 -14.76
C PRO C 152 26.88 35.77 -15.25
N PHE C 153 26.47 34.53 -14.96
CA PHE C 153 25.16 34.03 -15.34
C PHE C 153 24.41 33.55 -14.10
N CYS C 154 23.10 33.71 -14.13
CA CYS C 154 22.25 33.32 -13.01
C CYS C 154 20.88 32.94 -13.52
N MET C 155 20.11 32.26 -12.66
CA MET C 155 18.76 31.83 -12.97
C MET C 155 17.84 32.19 -11.82
N ALA C 156 16.74 32.86 -12.12
CA ALA C 156 15.78 33.31 -11.12
C ALA C 156 14.50 32.49 -11.21
N TYR C 157 13.67 32.64 -10.18
CA TYR C 157 12.38 31.94 -10.12
C TYR C 157 11.40 32.85 -9.40
N ILE C 158 10.63 33.62 -10.17
CA ILE C 158 9.65 34.54 -9.61
C ILE C 158 8.35 33.80 -9.34
N SER C 159 7.87 33.86 -8.11
CA SER C 159 6.62 33.19 -7.73
C SER C 159 5.94 34.03 -6.67
N ALA C 160 4.81 34.63 -7.02
CA ALA C 160 4.06 35.46 -6.09
C ALA C 160 3.28 34.61 -5.09
N ILE C 165 6.62 29.21 2.20
CA ILE C 165 7.58 29.80 1.28
C ILE C 165 8.91 29.07 1.36
N MET C 166 9.38 28.86 2.60
CA MET C 166 10.65 28.17 2.79
C MET C 166 10.58 26.71 2.35
N GLN C 167 9.43 26.07 2.55
CA GLN C 167 9.28 24.68 2.10
C GLN C 167 9.35 24.59 0.58
N GLN C 168 8.64 25.47 -0.12
CA GLN C 168 8.72 25.51 -1.58
C GLN C 168 10.11 25.86 -2.05
N PHE C 169 10.81 26.74 -1.32
CA PHE C 169 12.18 27.10 -1.68
C PHE C 169 13.10 25.89 -1.58
N GLN C 170 13.02 25.15 -0.47
CA GLN C 170 13.83 23.95 -0.31
C GLN C 170 13.44 22.88 -1.33
N GLU C 171 12.18 22.86 -1.76
CA GLU C 171 11.76 21.90 -2.77
C GLU C 171 12.34 22.23 -4.14
N LEU C 172 12.31 23.52 -4.52
CA LEU C 172 12.85 23.91 -5.82
C LEU C 172 14.37 23.93 -5.84
N SER C 173 15.02 24.03 -4.66
CA SER C 173 16.48 24.01 -4.63
C SER C 173 17.03 22.67 -5.11
N ALA C 174 16.32 21.58 -4.83
CA ALA C 174 16.79 20.26 -5.26
C ALA C 174 16.87 20.16 -6.78
N GLU C 175 15.93 20.81 -7.48
CA GLU C 175 15.95 20.79 -8.93
C GLU C 175 16.91 21.84 -9.48
N PHE C 176 16.99 23.00 -8.84
CA PHE C 176 17.90 24.03 -9.30
C PHE C 176 19.36 23.62 -9.13
N SER C 177 19.65 22.73 -8.18
CA SER C 177 21.01 22.21 -8.04
C SER C 177 21.41 21.44 -9.29
N ARG C 178 20.55 20.52 -9.75
CA ARG C 178 20.86 19.77 -10.97
C ARG C 178 20.86 20.69 -12.19
N ALA C 179 19.98 21.70 -12.20
CA ALA C 179 19.98 22.65 -13.30
C ALA C 179 21.31 23.39 -13.39
N SER C 180 21.81 23.88 -12.24
CA SER C 180 23.09 24.56 -12.22
C SER C 180 24.24 23.62 -12.54
N GLU C 181 24.14 22.35 -12.15
CA GLU C 181 25.16 21.38 -12.50
C GLU C 181 25.23 21.16 -14.01
N CYS C 182 24.07 21.02 -14.66
CA CYS C 182 24.04 20.86 -16.11
C CYS C 182 24.54 22.12 -16.80
N LEU C 183 24.17 23.30 -16.28
CA LEU C 183 24.65 24.54 -16.86
C LEU C 183 26.16 24.67 -16.73
N LYS C 184 26.71 24.25 -15.59
CA LYS C 184 28.16 24.29 -15.41
C LYS C 184 28.86 23.29 -16.33
N THR C 185 28.24 22.14 -16.56
CA THR C 185 28.81 21.17 -17.50
C THR C 185 28.83 21.74 -18.92
N GLY C 186 27.73 22.39 -19.33
CA GLY C 186 27.72 23.02 -20.63
C GLY C 186 28.73 24.15 -20.76
N ASN C 187 28.88 24.94 -19.69
CA ASN C 187 29.87 26.01 -19.70
C ASN C 187 31.29 25.46 -19.75
N ARG C 188 31.53 24.32 -19.09
CA ARG C 188 32.85 23.69 -19.16
C ARG C 188 33.13 23.15 -20.54
N LYS C 189 32.11 22.58 -21.20
CA LYS C 189 32.29 22.14 -22.58
C LYS C 189 32.59 23.31 -23.51
N ALA C 190 31.87 24.42 -23.33
CA ALA C 190 32.14 25.61 -24.15
C ALA C 190 33.53 26.15 -23.88
N PHE C 191 33.98 26.10 -22.62
CA PHE C 191 35.31 26.58 -22.29
C PHE C 191 36.39 25.67 -22.87
N ALA C 192 36.14 24.36 -22.90
CA ALA C 192 37.08 23.44 -23.53
C ALA C 192 37.16 23.70 -25.03
N GLY C 193 36.02 23.96 -25.67
CA GLY C 193 36.03 24.30 -27.08
C GLY C 193 36.78 25.60 -27.36
N GLU C 194 36.56 26.61 -26.52
CA GLU C 194 37.27 27.88 -26.67
C GLU C 194 38.76 27.70 -26.44
N LEU C 195 39.14 26.83 -25.50
CA LEU C 195 40.55 26.57 -25.26
C LEU C 195 41.20 25.86 -26.43
N GLU C 196 40.48 24.91 -27.04
CA GLU C 196 41.00 24.25 -28.24
C GLU C 196 41.16 25.25 -29.38
N LYS C 197 40.19 26.15 -29.55
CA LYS C 197 40.31 27.18 -30.59
C LYS C 197 41.49 28.11 -30.31
N LYS C 198 41.70 28.49 -29.05
CA LYS C 198 42.81 29.34 -28.70
C LYS C 198 44.15 28.63 -28.90
N LEU C 199 44.20 27.33 -28.63
CA LEU C 199 45.42 26.57 -28.87
C LEU C 199 45.71 26.47 -30.37
N LYS C 200 44.68 26.27 -31.19
CA LYS C 200 44.88 26.27 -32.63
C LYS C 200 45.38 27.63 -33.12
N ASP C 201 44.81 28.71 -32.59
CA ASP C 201 45.25 30.05 -32.98
C ASP C 201 46.69 30.30 -32.54
N LEU C 202 47.06 29.81 -31.35
CA LEU C 202 48.43 29.99 -30.89
C LEU C 202 49.41 29.18 -31.72
N ASP C 203 49.01 27.98 -32.15
CA ASP C 203 49.85 27.19 -33.03
C ASP C 203 50.03 27.88 -34.38
N TYR C 204 48.95 28.45 -34.91
CA TYR C 204 49.05 29.20 -36.17
C TYR C 204 49.96 30.40 -36.02
N THR C 205 49.85 31.12 -34.90
CA THR C 205 50.70 32.29 -34.67
C THR C 205 52.16 31.87 -34.51
N ARG C 206 52.41 30.75 -33.85
CA ARG C 206 53.79 30.26 -33.72
C ARG C 206 54.36 29.86 -35.07
N THR C 207 53.54 29.23 -35.93
CA THR C 207 54.00 28.89 -37.27
C THR C 207 54.30 30.15 -38.08
N VAL C 208 53.44 31.17 -37.95
CA VAL C 208 53.68 32.42 -38.67
C VAL C 208 54.95 33.10 -38.17
N LEU C 209 55.19 33.06 -36.86
CA LEU C 209 56.41 33.65 -36.32
C LEU C 209 57.64 32.90 -36.77
N HIS C 210 57.56 31.56 -36.84
CA HIS C 210 58.69 30.78 -37.33
C HIS C 210 58.97 31.08 -38.79
N THR C 211 57.92 31.23 -39.60
CA THR C 211 58.09 31.59 -41.00
C THR C 211 58.72 32.97 -41.14
N GLU C 212 58.27 33.92 -40.32
CA GLU C 212 58.84 35.27 -40.37
C GLU C 212 60.30 35.25 -39.97
N THR C 213 60.65 34.47 -38.94
CA THR C 213 62.05 34.37 -38.53
C THR C 213 62.91 33.73 -39.60
N GLU C 214 62.39 32.69 -40.26
CA GLU C 214 63.12 32.05 -41.35
C GLU C 214 63.30 32.99 -42.53
N ILE C 215 62.31 33.85 -42.80
CA ILE C 215 62.43 34.81 -43.89
C ILE C 215 63.43 35.89 -43.54
N GLN C 216 63.42 36.36 -42.29
CA GLN C 216 64.35 37.40 -41.86
C GLN C 216 65.76 36.88 -41.65
N LYS C 217 65.95 35.57 -41.53
CA LYS C 217 67.28 35.01 -41.35
C LYS C 217 68.16 35.18 -42.58
N LYS C 218 67.57 35.46 -43.74
CA LYS C 218 68.31 35.65 -44.98
C LYS C 218 68.68 37.12 -45.22
N ALA C 219 68.38 38.01 -44.27
CA ALA C 219 68.69 39.42 -44.42
C ALA C 219 69.39 39.96 -43.18
N GLY C 223 68.32 42.28 -38.83
CA GLY C 223 68.35 42.77 -37.47
C GLY C 223 67.09 42.44 -36.69
N PHE C 224 66.72 43.34 -35.77
CA PHE C 224 65.52 43.14 -34.97
C PHE C 224 64.27 43.27 -35.84
N TYR C 225 63.49 42.20 -35.92
CA TYR C 225 62.28 42.19 -36.73
C TYR C 225 61.30 41.19 -36.15
N SER C 226 60.02 41.37 -36.50
CA SER C 226 58.94 40.49 -36.06
C SER C 226 58.84 40.45 -34.53
N SER C 227 59.05 41.60 -33.90
CA SER C 227 58.94 41.67 -32.44
C SER C 227 57.48 41.67 -31.99
N GLN C 228 56.62 42.40 -32.70
CA GLN C 228 55.20 42.39 -32.36
C GLN C 228 54.58 41.01 -32.59
N ALA C 229 55.03 40.32 -33.64
CA ALA C 229 54.52 38.97 -33.89
C ALA C 229 54.95 38.01 -32.78
N ILE C 230 56.19 38.14 -32.32
CA ILE C 230 56.67 37.29 -31.22
C ILE C 230 55.91 37.59 -29.93
N GLU C 231 55.64 38.87 -29.68
CA GLU C 231 54.88 39.24 -28.49
C GLU C 231 53.45 38.69 -28.56
N LYS C 232 52.82 38.77 -29.74
CA LYS C 232 51.48 38.22 -29.89
C LYS C 232 51.48 36.72 -29.73
N ALA C 233 52.51 36.03 -30.25
CA ALA C 233 52.59 34.58 -30.08
C ALA C 233 52.78 34.21 -28.61
N ASN C 234 53.61 34.96 -27.90
CA ASN C 234 53.80 34.69 -26.47
C ASN C 234 52.51 34.93 -25.69
N GLU C 235 51.78 35.99 -26.02
CA GLU C 235 50.52 36.26 -25.35
C GLU C 235 49.50 35.17 -25.65
N LEU C 236 49.46 34.69 -26.90
CA LEU C 236 48.53 33.62 -27.24
C LEU C 236 48.90 32.32 -26.52
N ALA C 237 50.19 32.03 -26.40
CA ALA C 237 50.61 30.84 -25.67
C ALA C 237 50.25 30.94 -24.20
N SER C 238 50.43 32.13 -23.61
CA SER C 238 50.06 32.31 -22.21
C SER C 238 48.55 32.16 -22.02
N VAL C 239 47.76 32.71 -22.95
CA VAL C 239 46.31 32.59 -22.84
C VAL C 239 45.88 31.14 -22.99
N GLU C 240 46.53 30.40 -23.89
CA GLU C 240 46.21 28.98 -24.06
C GLU C 240 46.57 28.18 -22.81
N LYS C 241 47.72 28.48 -22.20
CA LYS C 241 48.09 27.80 -20.97
C LYS C 241 47.11 28.12 -19.85
N SER C 242 46.68 29.38 -19.74
CA SER C 242 45.72 29.74 -18.71
C SER C 242 44.38 29.05 -18.95
N ILE C 243 43.95 28.94 -20.20
CA ILE C 243 42.69 28.28 -20.51
C ILE C 243 42.79 26.79 -20.20
N ILE C 244 43.93 26.17 -20.50
CA ILE C 244 44.12 24.76 -20.18
C ILE C 244 44.11 24.54 -18.68
N GLU C 245 44.75 25.43 -17.92
CA GLU C 245 44.74 25.31 -16.47
C GLU C 245 43.33 25.48 -15.91
N HIS C 246 42.57 26.43 -16.45
CA HIS C 246 41.19 26.62 -16.00
C HIS C 246 40.33 25.40 -16.32
N GLN C 247 40.51 24.82 -17.51
CA GLN C 247 39.76 23.63 -17.86
C GLN C 247 40.12 22.45 -16.96
N ASP C 248 41.41 22.30 -16.65
CA ASP C 248 41.82 21.23 -15.75
C ASP C 248 41.25 21.43 -14.35
N LEU C 249 41.24 22.68 -13.86
CA LEU C 249 40.67 22.95 -12.55
C LEU C 249 39.17 22.69 -12.53
N LEU C 250 38.47 23.04 -13.61
CA LEU C 250 37.04 22.80 -13.68
C LEU C 250 36.73 21.30 -13.75
N LYS C 251 37.57 20.54 -14.46
CA LYS C 251 37.38 19.10 -14.52
C LYS C 251 37.70 18.42 -13.19
N GLN C 252 38.69 18.94 -12.46
CA GLN C 252 39.01 18.37 -11.15
C GLN C 252 37.93 18.69 -10.12
N ILE C 253 37.44 19.93 -10.12
CA ILE C 253 36.41 20.33 -9.18
C ILE C 253 35.05 20.33 -9.86
N LYS C 320 23.88 24.46 -27.90
CA LYS C 320 24.17 23.05 -28.17
C LYS C 320 23.07 22.15 -27.61
N THR C 321 23.36 20.85 -27.51
CA THR C 321 22.39 19.91 -26.98
C THR C 321 22.28 20.01 -25.47
N LEU C 322 23.40 20.26 -24.78
CA LEU C 322 23.36 20.37 -23.32
C LEU C 322 22.54 21.56 -22.87
N GLU C 323 22.68 22.70 -23.56
CA GLU C 323 21.92 23.88 -23.19
C GLU C 323 20.42 23.66 -23.39
N GLU C 324 20.04 23.03 -24.51
CA GLU C 324 18.62 22.75 -24.75
C GLU C 324 18.08 21.76 -23.73
N LEU C 325 18.88 20.75 -23.38
CA LEU C 325 18.44 19.79 -22.37
C LEU C 325 18.26 20.46 -21.02
N CYS C 326 19.18 21.34 -20.64
CA CYS C 326 19.05 22.06 -19.38
C CYS C 326 17.83 22.97 -19.38
N ASP C 327 17.56 23.62 -20.52
CA ASP C 327 16.39 24.49 -20.60
C ASP C 327 15.11 23.68 -20.47
N THR C 328 15.02 22.54 -21.17
CA THR C 328 13.84 21.69 -21.06
C THR C 328 13.66 21.16 -19.65
N GLU C 329 14.77 20.80 -18.99
CA GLU C 329 14.67 20.29 -17.62
C GLU C 329 14.19 21.38 -16.66
N TYR C 330 14.74 22.58 -16.79
CA TYR C 330 14.32 23.69 -15.93
C TYR C 330 12.88 24.09 -16.20
N PHE C 331 12.40 23.89 -17.43
CA PHE C 331 11.02 24.23 -17.74
C PHE C 331 10.04 23.16 -17.29
N THR C 332 10.45 21.89 -17.29
CA THR C 332 9.55 20.83 -16.83
C THR C 332 9.58 20.66 -15.32
N GLN C 333 10.65 21.09 -14.65
CA GLN C 333 10.68 21.02 -13.19
C GLN C 333 9.87 22.13 -12.53
N THR C 334 9.65 23.25 -13.23
CA THR C 334 8.87 24.34 -12.68
C THR C 334 7.37 24.04 -12.68
N LEU C 335 6.92 23.11 -13.51
CA LEU C 335 5.49 22.79 -13.56
C LEU C 335 5.02 22.18 -12.24
N ALA C 336 5.83 21.31 -11.65
CA ALA C 336 5.47 20.71 -10.36
C ALA C 336 5.40 21.76 -9.27
N GLN C 337 6.37 22.67 -9.23
CA GLN C 337 6.36 23.73 -8.22
C GLN C 337 5.19 24.69 -8.43
N LEU C 338 4.78 24.90 -9.68
CA LEU C 338 3.64 25.78 -9.94
C LEU C 338 2.34 25.11 -9.54
N SER C 339 2.19 23.81 -9.83
CA SER C 339 0.98 23.09 -9.46
C SER C 339 0.90 22.84 -7.95
N HIS C 340 2.04 22.81 -7.27
CA HIS C 340 2.10 22.59 -5.82
C HIS C 340 2.69 23.80 -5.12
N ILE C 341 2.24 25.00 -5.50
CA ILE C 341 2.76 26.23 -4.91
C ILE C 341 2.44 26.29 -3.42
N GLU C 342 1.31 25.70 -3.01
CA GLU C 342 0.91 25.69 -1.62
C GLU C 342 0.74 24.29 -1.04
N HIS C 343 0.93 23.25 -1.84
CA HIS C 343 0.75 21.87 -1.39
C HIS C 343 2.00 21.02 -1.56
N MET C 344 3.15 21.63 -1.85
CA MET C 344 4.37 20.86 -2.05
C MET C 344 4.80 20.16 -0.77
N PHE C 345 4.91 20.90 0.33
CA PHE C 345 5.28 20.30 1.60
C PHE C 345 4.23 19.31 2.09
N ARG C 346 2.95 19.60 1.84
CA ARG C 346 1.89 18.68 2.23
C ARG C 346 2.03 17.35 1.50
N GLY C 347 2.21 17.41 0.18
CA GLY C 347 2.42 16.17 -0.57
C GLY C 347 3.68 15.44 -0.15
N ASP C 348 4.75 16.19 0.16
CA ASP C 348 6.00 15.58 0.57
C ASP C 348 5.82 14.82 1.88
N LEU C 349 5.20 15.46 2.88
CA LEU C 349 5.00 14.79 4.16
C LEU C 349 4.02 13.63 4.03
N CYS C 350 3.00 13.76 3.16
CA CYS C 350 2.08 12.65 2.95
C CYS C 350 2.78 11.46 2.33
N TYR C 351 3.64 11.71 1.33
CA TYR C 351 4.38 10.61 0.72
C TYR C 351 5.35 9.97 1.71
N LEU C 352 6.02 10.80 2.53
CA LEU C 352 6.93 10.25 3.54
C LEU C 352 6.18 9.39 4.55
N LEU C 353 5.02 9.85 5.01
CA LEU C 353 4.24 9.07 5.96
C LEU C 353 3.73 7.79 5.33
N THR C 354 3.28 7.84 4.08
CA THR C 354 2.83 6.63 3.39
C THR C 354 3.97 5.63 3.25
N SER C 355 5.17 6.11 2.91
CA SER C 355 6.31 5.21 2.78
C SER C 355 6.68 4.60 4.13
N GLN C 356 6.71 5.40 5.19
CA GLN C 356 7.07 4.89 6.51
C GLN C 356 5.99 3.98 7.08
N ILE C 357 4.76 4.09 6.61
CA ILE C 357 3.71 3.18 7.06
C ILE C 357 3.67 1.91 6.24
N ASP C 358 4.05 1.97 4.96
CA ASP C 358 4.07 0.77 4.12
C ASP C 358 5.33 -0.04 4.30
N ARG C 359 6.42 0.57 4.76
CA ARG C 359 7.65 -0.18 5.00
C ARG C 359 7.52 -1.15 6.17
N ALA C 360 6.60 -0.89 7.10
CA ALA C 360 6.40 -1.77 8.24
C ALA C 360 5.08 -2.51 8.14
N LYS C 363 8.58 -4.25 7.47
CA LYS C 363 9.58 -4.46 8.51
C LYS C 363 8.93 -4.62 9.89
N GLN C 364 9.29 -5.69 10.58
CA GLN C 364 8.76 -5.97 11.91
C GLN C 364 9.91 -6.41 12.80
N GLN C 365 9.58 -6.92 13.98
CA GLN C 365 10.57 -7.38 14.94
C GLN C 365 10.87 -8.86 14.72
N HIS C 366 11.44 -9.50 15.74
CA HIS C 366 12.15 -10.77 15.58
C HIS C 366 11.24 -12.00 15.50
N ILE C 367 11.85 -13.17 15.68
CA ILE C 367 11.16 -14.45 15.60
C ILE C 367 9.92 -14.49 16.50
N THR C 368 9.87 -13.65 17.53
CA THR C 368 8.66 -13.54 18.33
C THR C 368 7.49 -13.07 17.48
N ASN C 369 7.68 -11.98 16.73
CA ASN C 369 6.62 -11.52 15.82
C ASN C 369 6.45 -12.48 14.65
N PHE C 370 7.53 -13.16 14.24
CA PHE C 370 7.38 -14.19 13.20
C PHE C 370 6.40 -15.28 13.63
N LEU C 371 6.59 -15.80 14.84
CA LEU C 371 5.68 -16.82 15.36
C LEU C 371 4.29 -16.25 15.63
N PHE C 372 4.22 -14.98 16.05
CA PHE C 372 2.92 -14.33 16.20
C PHE C 372 2.14 -14.34 14.89
N GLU C 373 2.79 -13.92 13.80
CA GLU C 373 2.15 -13.90 12.49
C GLU C 373 1.79 -15.30 12.03
N ASP C 374 2.70 -16.27 12.24
CA ASP C 374 2.40 -17.64 11.85
C ASP C 374 1.19 -18.18 12.60
N PHE C 375 1.11 -17.91 13.90
CA PHE C 375 -0.02 -18.41 14.70
C PHE C 375 -1.33 -17.75 14.28
N VAL C 376 -1.32 -16.44 14.04
CA VAL C 376 -2.57 -15.79 13.65
C VAL C 376 -2.98 -16.24 12.25
N GLU C 377 -2.02 -16.53 11.38
CA GLU C 377 -2.36 -17.04 10.05
C GLU C 377 -2.94 -18.44 10.13
N VAL C 378 -2.37 -19.30 10.98
CA VAL C 378 -2.91 -20.64 11.15
C VAL C 378 -4.32 -20.58 11.75
N ASP C 379 -4.53 -19.67 12.70
CA ASP C 379 -5.86 -19.53 13.28
C ASP C 379 -6.86 -18.96 12.28
N ASP C 380 -6.39 -18.13 11.33
CA ASP C 380 -7.29 -17.59 10.32
C ASP C 380 -7.66 -18.62 9.27
N ARG C 381 -6.91 -19.72 9.17
CA ARG C 381 -7.18 -20.74 8.16
C ARG C 381 -8.21 -21.76 8.63
N MET C 382 -8.18 -22.13 9.92
CA MET C 382 -9.07 -23.16 10.45
C MET C 382 -10.37 -22.53 10.97
N VAL C 383 -11.03 -21.81 10.07
CA VAL C 383 -12.31 -21.18 10.39
C VAL C 383 -13.08 -20.87 9.11
N ALA C 706 -11.45 10.42 -14.14
CA ALA C 706 -11.72 9.20 -13.39
C ALA C 706 -12.59 9.49 -12.18
N GLY C 707 -12.16 10.44 -11.35
CA GLY C 707 -12.93 10.79 -10.17
C GLY C 707 -14.28 11.39 -10.51
N GLN C 708 -14.33 12.23 -11.55
CA GLN C 708 -15.60 12.83 -11.95
C GLN C 708 -16.58 11.76 -12.43
N ASN C 709 -16.10 10.81 -13.24
CA ASN C 709 -16.97 9.73 -13.70
C ASN C 709 -17.41 8.83 -12.55
N ALA C 710 -16.50 8.58 -11.60
CA ALA C 710 -16.86 7.76 -10.45
C ALA C 710 -17.92 8.45 -9.59
N LEU C 711 -17.82 9.77 -9.44
CA LEU C 711 -18.82 10.50 -8.67
C LEU C 711 -20.15 10.56 -9.41
N LYS C 712 -20.11 10.70 -10.74
CA LYS C 712 -21.34 10.75 -11.52
C LYS C 712 -22.04 9.40 -11.53
N PHE C 713 -21.27 8.30 -11.53
CA PHE C 713 -21.88 6.98 -11.53
C PHE C 713 -22.44 6.62 -10.15
N ILE C 714 -21.71 6.96 -9.08
CA ILE C 714 -22.17 6.65 -7.73
C ILE C 714 -23.35 7.51 -7.32
N ARG C 715 -23.54 8.67 -7.94
CA ARG C 715 -24.65 9.54 -7.57
C ARG C 715 -25.95 9.07 -8.20
N GLN C 716 -25.96 8.91 -9.52
CA GLN C 716 -27.16 8.49 -10.25
C GLN C 716 -27.10 6.98 -10.46
N TYR C 717 -27.43 6.24 -9.41
CA TYR C 717 -27.44 4.78 -9.47
C TYR C 717 -28.43 4.23 -8.44
N PRO C 718 -29.48 3.56 -8.88
CA PRO C 718 -30.44 2.97 -7.93
C PRO C 718 -29.85 1.78 -7.22
N PHE C 719 -30.02 1.75 -5.89
CA PHE C 719 -29.50 0.67 -5.04
C PHE C 719 -27.99 0.51 -5.21
N ALA C 720 -27.27 1.61 -4.97
CA ALA C 720 -25.83 1.60 -5.05
C ALA C 720 -25.16 1.14 -3.75
N HIS C 721 -25.86 1.24 -2.63
CA HIS C 721 -25.30 0.77 -1.36
C HIS C 721 -25.01 -0.73 -1.37
N PRO C 722 -25.94 -1.62 -1.76
CA PRO C 722 -25.58 -3.05 -1.80
C PRO C 722 -24.51 -3.35 -2.84
N ALA C 723 -24.50 -2.63 -3.96
CA ALA C 723 -23.47 -2.85 -4.98
C ALA C 723 -22.08 -2.53 -4.42
N ILE C 724 -21.94 -1.37 -3.79
CA ILE C 724 -20.64 -1.01 -3.24
C ILE C 724 -20.29 -1.88 -2.04
N TYR C 725 -21.30 -2.40 -1.32
CA TYR C 725 -21.03 -3.32 -0.23
C TYR C 725 -20.47 -4.64 -0.74
N SER C 726 -21.08 -5.19 -1.79
CA SER C 726 -20.57 -6.41 -2.40
C SER C 726 -19.21 -6.19 -3.06
N LEU C 727 -18.97 -4.98 -3.57
CA LEU C 727 -17.66 -4.67 -4.16
C LEU C 727 -16.58 -4.61 -3.10
N LEU C 728 -16.87 -3.96 -1.97
CA LEU C 728 -15.85 -3.79 -0.94
C LEU C 728 -15.68 -5.03 -0.06
N SER C 729 -16.74 -5.82 0.11
CA SER C 729 -16.66 -6.99 0.97
C SER C 729 -15.80 -8.10 0.36
N GLY C 730 -15.55 -8.06 -0.95
CA GLY C 730 -14.74 -9.06 -1.62
C GLY C 730 -15.44 -9.79 -2.74
N ARG C 731 -16.76 -9.67 -2.88
CA ARG C 731 -17.47 -10.34 -3.96
C ARG C 731 -17.16 -9.66 -5.29
N THR C 732 -16.92 -10.48 -6.31
CA THR C 732 -16.61 -9.96 -7.63
C THR C 732 -17.84 -9.29 -8.24
N LEU C 733 -17.69 -8.03 -8.63
CA LEU C 733 -18.77 -7.25 -9.23
C LEU C 733 -18.46 -7.06 -10.71
N VAL C 734 -19.04 -7.92 -11.54
CA VAL C 734 -18.86 -7.85 -12.99
C VAL C 734 -19.97 -6.99 -13.57
N VAL C 735 -19.68 -6.36 -14.72
CA VAL C 735 -20.62 -5.49 -15.40
C VAL C 735 -21.01 -6.14 -16.72
N LEU C 736 -22.27 -5.94 -17.12
CA LEU C 736 -22.80 -6.50 -18.36
C LEU C 736 -23.49 -5.39 -19.13
N GLY C 737 -23.04 -5.12 -20.34
CA GLY C 737 -23.62 -4.08 -21.17
C GLY C 737 -23.46 -4.41 -22.63
N GLU C 738 -24.22 -3.68 -23.45
CA GLU C 738 -24.18 -3.87 -24.91
C GLU C 738 -23.12 -2.99 -25.56
N ASP C 739 -23.04 -1.72 -25.17
CA ASP C 739 -22.06 -0.80 -25.73
C ASP C 739 -20.76 -0.86 -24.92
N GLU C 740 -19.80 -0.02 -25.30
CA GLU C 740 -18.52 0.05 -24.63
C GLU C 740 -18.47 1.12 -23.55
N ALA C 741 -19.43 2.05 -23.53
CA ALA C 741 -19.43 3.10 -22.52
C ALA C 741 -19.69 2.54 -21.13
N ILE C 742 -20.62 1.59 -21.01
CA ILE C 742 -20.92 1.00 -19.71
C ILE C 742 -19.75 0.17 -19.21
N VAL C 743 -18.98 -0.44 -20.13
CA VAL C 743 -17.82 -1.21 -19.71
C VAL C 743 -16.65 -0.29 -19.35
N ARG C 744 -16.54 0.85 -20.02
CA ARG C 744 -15.47 1.79 -19.69
C ARG C 744 -15.76 2.54 -18.40
N LYS C 745 -17.04 2.75 -18.07
CA LYS C 745 -17.39 3.41 -16.82
C LYS C 745 -17.08 2.56 -15.61
N LEU C 746 -16.94 1.24 -15.77
CA LEU C 746 -16.60 0.38 -14.64
C LEU C 746 -15.16 0.59 -14.18
N VAL C 747 -14.29 1.05 -15.08
CA VAL C 747 -12.91 1.30 -14.71
C VAL C 747 -12.78 2.55 -13.85
N THR C 748 -13.77 3.44 -13.89
CA THR C 748 -13.71 4.65 -13.07
C THR C 748 -13.99 4.34 -11.60
N ALA C 749 -14.86 3.38 -11.33
CA ALA C 749 -15.20 2.98 -9.96
C ALA C 749 -14.22 1.96 -9.39
N LEU C 750 -13.04 1.82 -10.00
CA LEU C 750 -12.04 0.88 -9.53
C LEU C 750 -11.15 1.44 -8.43
N ALA C 751 -11.40 2.67 -7.98
CA ALA C 751 -10.61 3.28 -6.92
C ALA C 751 -11.15 2.96 -5.53
N ILE C 752 -12.00 1.94 -5.40
CA ILE C 752 -12.58 1.56 -4.12
C ILE C 752 -12.18 0.14 -3.77
N PHE C 753 -11.92 -0.67 -4.81
CA PHE C 753 -11.53 -2.06 -4.59
C PHE C 753 -10.10 -2.12 -4.03
N VAL C 754 -9.91 -2.99 -3.05
CA VAL C 754 -8.61 -3.14 -2.39
C VAL C 754 -7.78 -4.16 -3.16
N PRO C 755 -6.53 -3.85 -3.49
CA PRO C 755 -5.67 -4.80 -4.19
C PRO C 755 -5.14 -5.86 -3.23
N SER C 756 -4.34 -6.78 -3.78
CA SER C 756 -3.75 -7.86 -3.00
C SER C 756 -2.27 -8.08 -3.27
N TYR C 757 -1.71 -7.48 -4.31
CA TYR C 757 -0.30 -7.68 -4.64
C TYR C 757 0.21 -6.40 -5.29
N GLY C 758 1.37 -6.49 -5.94
CA GLY C 758 1.93 -5.33 -6.61
C GLY C 758 1.05 -4.81 -7.74
N CYS C 759 0.32 -5.70 -8.40
CA CYS C 759 -0.62 -5.31 -9.45
C CYS C 759 -2.00 -5.06 -8.84
N TYR C 760 -2.93 -4.63 -9.68
CA TYR C 760 -4.29 -4.34 -9.23
C TYR C 760 -5.31 -5.29 -9.83
N ALA C 761 -5.39 -5.37 -11.16
CA ALA C 761 -6.33 -6.28 -11.82
C ALA C 761 -5.78 -6.57 -13.22
N LYS C 762 -5.18 -7.74 -13.39
CA LYS C 762 -4.64 -8.13 -14.68
C LYS C 762 -5.74 -8.63 -15.62
N PRO C 763 -6.64 -9.55 -15.19
CA PRO C 763 -7.72 -9.95 -16.12
C PRO C 763 -8.83 -8.93 -16.20
N VAL C 764 -8.60 -7.89 -17.00
CA VAL C 764 -9.56 -6.80 -17.19
C VAL C 764 -9.77 -6.66 -18.69
N LYS C 765 -10.81 -7.30 -19.21
CA LYS C 765 -11.16 -7.25 -20.63
C LYS C 765 -12.47 -6.47 -20.76
N HIS C 766 -12.35 -5.15 -20.86
CA HIS C 766 -13.52 -4.28 -20.94
C HIS C 766 -14.06 -4.25 -22.36
N TRP C 767 -15.39 -4.35 -22.47
CA TRP C 767 -16.08 -4.34 -23.76
C TRP C 767 -15.56 -5.42 -24.70
N ALA C 768 -15.55 -6.66 -24.19
CA ALA C 768 -15.09 -7.80 -24.96
C ALA C 768 -15.81 -9.05 -24.47
N SER C 769 -16.53 -9.71 -25.38
CA SER C 769 -17.25 -10.92 -25.03
C SER C 769 -16.27 -12.05 -24.75
N SER C 770 -16.29 -12.57 -23.52
CA SER C 770 -15.37 -13.63 -23.11
C SER C 770 -16.11 -14.54 -22.13
N PRO C 771 -15.72 -15.82 -22.05
CA PRO C 771 -16.36 -16.71 -21.08
C PRO C 771 -15.97 -16.38 -19.65
N LEU C 772 -16.58 -15.32 -19.10
CA LEU C 772 -16.26 -14.87 -17.74
C LEU C 772 -16.73 -15.84 -16.66
N HIS C 773 -17.43 -16.92 -17.03
CA HIS C 773 -17.87 -17.89 -16.03
C HIS C 773 -16.68 -18.58 -15.37
N ILE C 774 -15.62 -18.83 -16.12
CA ILE C 774 -14.42 -19.46 -15.57
C ILE C 774 -13.50 -18.42 -14.93
N MET C 775 -13.41 -17.22 -15.51
CA MET C 775 -12.55 -16.18 -14.96
C MET C 775 -13.08 -15.64 -13.64
N ASP C 776 -14.38 -15.77 -13.37
CA ASP C 776 -14.93 -15.31 -12.10
C ASP C 776 -14.43 -16.13 -10.92
N PHE C 777 -13.90 -17.33 -11.17
CA PHE C 777 -13.37 -18.18 -10.12
C PHE C 777 -11.91 -18.57 -10.33
N GLN C 778 -11.32 -18.27 -11.48
CA GLN C 778 -9.93 -18.61 -11.75
C GLN C 778 -9.13 -17.38 -12.18
N LYS C 779 -9.51 -16.21 -11.68
CA LYS C 779 -8.81 -14.97 -12.02
C LYS C 779 -9.10 -13.96 -10.91
N TRP C 780 -8.79 -12.70 -11.17
CA TRP C 780 -8.97 -11.63 -10.20
C TRP C 780 -10.47 -11.36 -9.99
N LYS C 781 -10.76 -10.45 -9.06
CA LYS C 781 -12.13 -10.11 -8.69
C LYS C 781 -12.62 -8.84 -9.39
N LEU C 782 -12.15 -8.58 -10.61
CA LEU C 782 -12.57 -7.41 -11.38
C LEU C 782 -12.45 -7.74 -12.86
N ILE C 783 -13.58 -7.91 -13.53
CA ILE C 783 -13.60 -8.24 -14.95
C ILE C 783 -14.93 -7.80 -15.52
N GLY C 784 -14.97 -7.60 -16.83
CA GLY C 784 -16.20 -7.21 -17.51
C GLY C 784 -16.45 -8.08 -18.71
N LEU C 785 -17.74 -8.23 -19.03
CA LEU C 785 -18.16 -9.04 -20.16
C LEU C 785 -19.30 -8.35 -20.89
N GLN C 786 -19.33 -8.53 -22.21
CA GLN C 786 -20.36 -7.93 -23.04
C GLN C 786 -21.63 -8.79 -22.99
N ARG C 787 -22.78 -8.12 -23.13
CA ARG C 787 -24.05 -8.82 -23.09
C ARG C 787 -24.26 -9.65 -24.35
N VAL C 788 -24.26 -9.00 -25.51
CA VAL C 788 -24.46 -9.69 -26.78
C VAL C 788 -23.18 -10.42 -27.19
N TYR C 806 -19.67 -16.39 -5.44
CA TYR C 806 -19.95 -15.07 -4.91
C TYR C 806 -19.57 -13.97 -5.90
N THR C 807 -20.19 -14.02 -7.08
CA THR C 807 -19.93 -13.05 -8.15
C THR C 807 -21.23 -12.31 -8.44
N SER C 808 -21.35 -11.08 -7.93
CA SER C 808 -22.54 -10.27 -8.16
C SER C 808 -22.49 -9.67 -9.56
N ILE C 809 -23.48 -10.00 -10.37
CA ILE C 809 -23.55 -9.51 -11.74
C ILE C 809 -24.34 -8.21 -11.77
N LEU C 810 -23.77 -7.19 -12.41
CA LEU C 810 -24.40 -5.88 -12.54
C LEU C 810 -24.71 -5.65 -14.02
N ASP C 811 -25.95 -5.97 -14.41
CA ASP C 811 -26.36 -5.83 -15.80
C ASP C 811 -26.76 -4.38 -16.09
N LEU C 812 -27.22 -4.14 -17.32
CA LEU C 812 -27.62 -2.81 -17.72
C LEU C 812 -28.97 -2.40 -17.13
N ASP C 813 -29.77 -3.36 -16.68
CA ASP C 813 -31.07 -3.08 -16.10
C ASP C 813 -31.16 -3.39 -14.62
N ASN C 814 -30.46 -4.42 -14.15
CA ASN C 814 -30.47 -4.81 -12.74
C ASN C 814 -29.04 -5.05 -12.29
N LYS C 815 -28.88 -5.34 -10.99
CA LYS C 815 -27.58 -5.58 -10.41
C LYS C 815 -27.73 -6.48 -9.20
N THR C 816 -26.90 -7.53 -9.13
CA THR C 816 -26.94 -8.45 -8.01
C THR C 816 -26.27 -7.82 -6.79
N LEU C 817 -26.33 -8.53 -5.66
CA LEU C 817 -25.75 -8.03 -4.42
C LEU C 817 -25.41 -9.22 -3.54
N ARG C 818 -24.49 -8.99 -2.59
CA ARG C 818 -24.09 -10.04 -1.67
C ARG C 818 -25.11 -10.17 -0.53
N CYS C 819 -25.52 -9.06 0.06
CA CYS C 819 -26.49 -9.06 1.14
C CYS C 819 -27.19 -7.71 1.23
N PRO C 820 -28.17 -7.44 0.36
CA PRO C 820 -28.85 -6.14 0.40
C PRO C 820 -29.89 -6.01 1.50
N LEU C 821 -30.06 -7.05 2.34
CA LEU C 821 -31.06 -6.97 3.40
C LEU C 821 -30.60 -6.03 4.52
N TYR C 822 -29.32 -6.09 4.88
CA TYR C 822 -28.78 -5.24 5.94
C TYR C 822 -27.30 -5.01 5.66
N ARG C 823 -26.93 -3.75 5.43
CA ARG C 823 -25.55 -3.38 5.16
C ARG C 823 -24.99 -2.56 6.32
N GLY C 824 -23.71 -2.23 6.23
CA GLY C 824 -23.04 -1.46 7.25
C GLY C 824 -23.20 0.04 7.05
N THR C 825 -22.64 0.80 8.00
CA THR C 825 -22.70 2.25 7.95
C THR C 825 -21.66 2.86 7.01
N LEU C 826 -20.83 2.03 6.36
CA LEU C 826 -19.82 2.55 5.45
C LEU C 826 -20.44 2.97 4.11
N VAL C 827 -21.44 2.22 3.64
CA VAL C 827 -22.08 2.57 2.37
C VAL C 827 -22.79 3.92 2.44
N PRO C 828 -23.59 4.23 3.48
CA PRO C 828 -24.16 5.59 3.54
C PRO C 828 -23.11 6.66 3.72
N ARG C 829 -22.05 6.39 4.50
CA ARG C 829 -21.00 7.37 4.69
C ARG C 829 -20.26 7.67 3.39
N LEU C 830 -20.16 6.69 2.50
CA LEU C 830 -19.51 6.90 1.22
C LEU C 830 -20.45 7.43 0.15
N ALA C 831 -21.77 7.22 0.30
CA ALA C 831 -22.73 7.71 -0.67
C ALA C 831 -23.25 9.11 -0.35
N ASP C 832 -23.11 9.56 0.90
CA ASP C 832 -23.55 10.91 1.24
C ASP C 832 -22.69 11.97 0.58
N HIS C 833 -21.42 11.67 0.28
CA HIS C 833 -20.56 12.63 -0.39
C HIS C 833 -21.03 12.89 -1.81
N ARG C 834 -21.50 11.85 -2.51
CA ARG C 834 -22.02 12.03 -3.86
C ARG C 834 -23.34 12.78 -3.85
N THR C 835 -24.13 12.66 -2.78
CA THR C 835 -25.40 13.34 -2.65
C THR C 835 -25.25 14.73 -2.01
N GLN C 836 -24.04 15.28 -2.01
CA GLN C 836 -23.80 16.59 -1.42
C GLN C 836 -23.12 17.51 -2.42
N ILE C 837 -22.70 18.70 -1.97
CA ILE C 837 -22.04 19.65 -2.85
C ILE C 837 -20.62 19.25 -3.21
N LYS C 838 -20.04 18.29 -2.49
CA LYS C 838 -18.67 17.85 -2.76
C LYS C 838 -18.63 17.12 -4.09
N ARG C 839 -18.01 17.74 -5.10
CA ARG C 839 -17.92 17.13 -6.43
C ARG C 839 -16.73 17.73 -7.15
N GLY C 840 -15.78 16.89 -7.54
CA GLY C 840 -14.63 17.35 -8.30
C GLY C 840 -13.33 17.28 -7.53
N SER C 841 -12.53 16.24 -7.81
CA SER C 841 -11.20 16.06 -7.22
C SER C 841 -11.24 16.04 -5.69
N THR C 842 -12.38 15.63 -5.13
CA THR C 842 -12.51 15.54 -3.68
C THR C 842 -13.00 14.14 -3.28
N TYR C 843 -13.82 13.53 -4.13
CA TYR C 843 -14.35 12.20 -3.82
C TYR C 843 -13.23 11.17 -3.79
N TYR C 844 -12.24 11.30 -4.67
CA TYR C 844 -11.12 10.36 -4.68
C TYR C 844 -10.33 10.44 -3.38
N LEU C 845 -10.05 11.66 -2.90
CA LEU C 845 -9.31 11.82 -1.65
C LEU C 845 -10.14 11.35 -0.47
N HIS C 846 -11.45 11.58 -0.49
CA HIS C 846 -12.31 11.09 0.58
C HIS C 846 -12.31 9.57 0.62
N VAL C 847 -12.38 8.93 -0.55
CA VAL C 847 -12.37 7.48 -0.61
C VAL C 847 -11.03 6.93 -0.15
N GLN C 848 -9.93 7.60 -0.51
CA GLN C 848 -8.62 7.15 -0.05
C GLN C 848 -8.48 7.27 1.47
N SER C 849 -9.00 8.37 2.04
CA SER C 849 -8.96 8.53 3.48
C SER C 849 -9.80 7.47 4.19
N MET C 850 -11.00 7.19 3.65
CA MET C 850 -11.83 6.14 4.25
C MET C 850 -11.16 4.77 4.12
N LEU C 851 -10.44 4.54 3.01
CA LEU C 851 -9.77 3.27 2.81
C LEU C 851 -8.62 3.08 3.79
N THR C 852 -7.79 4.12 3.98
CA THR C 852 -6.71 3.99 4.94
C THR C 852 -7.23 3.92 6.37
N GLN C 853 -8.36 4.58 6.65
CA GLN C 853 -8.98 4.43 7.97
C GLN C 853 -9.46 3.01 8.20
N LEU C 854 -10.09 2.40 7.19
CA LEU C 854 -10.52 1.01 7.30
C LEU C 854 -9.32 0.08 7.44
N CYS C 855 -8.22 0.40 6.76
CA CYS C 855 -7.01 -0.42 6.89
C CYS C 855 -6.46 -0.36 8.31
N SER C 856 -6.38 0.84 8.90
CA SER C 856 -5.94 0.95 10.29
C SER C 856 -6.90 0.25 11.23
N LYS C 857 -8.21 0.32 10.95
CA LYS C 857 -9.19 -0.36 11.78
C LYS C 857 -9.00 -1.87 11.72
N ALA C 858 -8.74 -2.41 10.53
CA ALA C 858 -8.53 -3.85 10.41
C ALA C 858 -7.21 -4.26 11.06
N PHE C 859 -6.20 -3.40 11.00
CA PHE C 859 -4.94 -3.68 11.70
C PHE C 859 -5.17 -3.78 13.21
N LEU C 860 -5.86 -2.79 13.78
CA LEU C 860 -6.19 -2.83 15.20
C LEU C 860 -7.07 -4.04 15.52
N TYR C 861 -7.96 -4.40 14.60
CA TYR C 861 -8.83 -5.56 14.81
C TYR C 861 -8.01 -6.84 14.91
N THR C 862 -7.07 -7.04 13.99
CA THR C 862 -6.20 -8.21 14.06
C THR C 862 -5.40 -8.22 15.34
N PHE C 863 -4.82 -7.08 15.71
CA PHE C 863 -4.00 -7.02 16.92
C PHE C 863 -4.83 -7.36 18.16
N CYS C 864 -6.03 -6.78 18.27
CA CYS C 864 -6.87 -7.06 19.42
C CYS C 864 -7.36 -8.50 19.44
N HIS C 865 -7.70 -9.05 18.28
CA HIS C 865 -8.20 -10.41 18.23
C HIS C 865 -7.11 -11.43 18.56
N HIS C 866 -5.85 -11.12 18.24
CA HIS C 866 -4.79 -12.06 18.57
C HIS C 866 -4.13 -11.78 19.92
N LEU C 867 -4.39 -10.62 20.52
CA LEU C 867 -3.83 -10.32 21.85
C LEU C 867 -4.86 -10.42 22.96
N HIS C 868 -6.14 -10.59 22.65
CA HIS C 868 -7.17 -10.72 23.67
C HIS C 868 -7.96 -12.01 23.48
N LEU C 879 -14.34 -21.61 21.00
CA LEU C 879 -15.62 -20.90 21.03
C LEU C 879 -15.51 -19.62 21.86
N VAL C 880 -14.60 -19.63 22.83
CA VAL C 880 -14.42 -18.45 23.67
C VAL C 880 -13.73 -17.33 22.91
N ALA C 881 -12.83 -17.67 21.98
CA ALA C 881 -12.14 -16.65 21.21
C ALA C 881 -13.09 -15.98 20.21
N SER C 882 -13.98 -16.76 19.59
CA SER C 882 -14.93 -16.20 18.65
C SER C 882 -15.88 -15.23 19.34
N ARG C 883 -16.28 -15.54 20.57
CA ARG C 883 -17.16 -14.64 21.31
C ARG C 883 -16.48 -13.31 21.59
N GLN C 884 -15.23 -13.35 22.04
CA GLN C 884 -14.49 -12.11 22.29
C GLN C 884 -14.25 -11.33 21.01
N MET C 885 -13.99 -12.03 19.90
CA MET C 885 -13.81 -11.35 18.62
C MET C 885 -15.09 -10.66 18.17
N SER C 886 -16.23 -11.34 18.30
CA SER C 886 -17.50 -10.71 17.95
C SER C 886 -17.82 -9.55 18.86
N PHE C 887 -17.49 -9.66 20.15
CA PHE C 887 -17.72 -8.55 21.06
C PHE C 887 -16.88 -7.34 20.68
N LEU C 888 -15.60 -7.57 20.34
CA LEU C 888 -14.74 -6.48 19.90
C LEU C 888 -15.27 -5.85 18.62
N LYS C 889 -15.74 -6.67 17.68
CA LYS C 889 -16.28 -6.15 16.43
C LYS C 889 -17.51 -5.30 16.66
N LEU C 890 -18.40 -5.75 17.56
CA LEU C 890 -19.61 -4.98 17.84
C LEU C 890 -19.31 -3.72 18.63
N THR C 891 -18.26 -3.72 19.47
CA THR C 891 -17.90 -2.51 20.20
C THR C 891 -17.25 -1.49 19.29
N LEU C 892 -16.40 -1.93 18.36
CA LEU C 892 -15.77 -1.03 17.42
C LEU C 892 -15.40 -1.80 16.16
N GLY C 893 -15.54 -1.14 15.01
CA GLY C 893 -15.26 -1.74 13.73
C GLY C 893 -16.48 -2.14 12.93
N LEU C 894 -17.65 -2.20 13.56
CA LEU C 894 -18.88 -2.58 12.88
C LEU C 894 -20.06 -2.06 13.69
N VAL C 895 -21.18 -1.87 12.99
CA VAL C 895 -22.39 -1.37 13.63
C VAL C 895 -23.52 -2.37 13.45
N ASN C 896 -23.90 -2.64 12.20
CA ASN C 896 -24.97 -3.57 11.90
C ASN C 896 -24.48 -4.78 11.13
N GLU C 897 -23.82 -4.59 9.99
CA GLU C 897 -23.33 -5.71 9.20
C GLU C 897 -21.94 -5.45 8.62
N ASP C 898 -21.21 -4.47 9.14
CA ASP C 898 -19.89 -4.14 8.66
C ASP C 898 -18.80 -5.03 9.25
N VAL C 899 -19.18 -6.12 9.93
CA VAL C 899 -18.19 -7.03 10.50
C VAL C 899 -17.62 -8.00 9.49
N ARG C 900 -18.06 -7.92 8.23
CA ARG C 900 -17.56 -8.79 7.17
C ARG C 900 -16.45 -8.13 6.36
N VAL C 901 -16.62 -6.86 5.97
CA VAL C 901 -15.60 -6.16 5.21
C VAL C 901 -14.36 -5.93 6.07
N VAL C 902 -14.53 -5.73 7.38
CA VAL C 902 -13.39 -5.57 8.27
C VAL C 902 -12.57 -6.85 8.31
N GLN C 903 -13.24 -7.99 8.46
CA GLN C 903 -12.53 -9.27 8.46
C GLN C 903 -11.90 -9.56 7.10
N TYR C 904 -12.55 -9.15 6.01
CA TYR C 904 -11.98 -9.36 4.69
C TYR C 904 -10.69 -8.57 4.51
N LEU C 905 -10.73 -7.28 4.87
CA LEU C 905 -9.51 -6.47 4.79
C LEU C 905 -8.43 -6.99 5.74
N ALA C 906 -8.84 -7.49 6.90
CA ALA C 906 -7.87 -8.05 7.84
C ALA C 906 -7.17 -9.26 7.25
N GLU C 907 -7.94 -10.18 6.65
CA GLU C 907 -7.35 -11.36 6.03
C GLU C 907 -6.46 -10.95 4.85
N LEU C 908 -6.87 -9.92 4.09
CA LEU C 908 -6.07 -9.48 2.96
C LEU C 908 -4.72 -8.92 3.42
N LEU C 909 -4.74 -8.06 4.44
CA LEU C 909 -3.48 -7.50 4.93
C LEU C 909 -2.62 -8.56 5.62
N LYS C 910 -3.26 -9.56 6.24
CA LYS C 910 -2.50 -10.65 6.84
C LYS C 910 -1.80 -11.49 5.79
N LEU C 911 -2.50 -11.80 4.69
CA LEU C 911 -1.86 -12.53 3.60
C LEU C 911 -0.80 -11.69 2.91
N HIS C 912 -0.99 -10.37 2.84
CA HIS C 912 0.02 -9.51 2.23
C HIS C 912 1.27 -9.43 3.10
N TYR C 913 1.10 -9.42 4.43
CA TYR C 913 2.26 -9.37 5.31
C TYR C 913 3.04 -10.67 5.30
N MET C 914 2.36 -11.81 5.11
CA MET C 914 2.99 -13.11 5.09
C MET C 914 3.63 -13.44 3.74
N GLN C 915 3.73 -12.47 2.84
CA GLN C 915 4.32 -12.66 1.51
C GLN C 915 3.60 -13.77 0.74
N GLU C 916 2.28 -13.84 0.92
CA GLU C 916 1.43 -14.83 0.24
C GLU C 916 0.25 -14.09 -0.37
N SER C 917 0.40 -13.67 -1.63
CA SER C 917 -0.64 -12.92 -2.31
C SER C 917 -1.32 -13.79 -3.36
N PRO C 918 -2.65 -13.69 -3.50
CA PRO C 918 -3.40 -14.46 -4.48
C PRO C 918 -3.16 -14.00 -5.92
N PRO C 923 -4.09 -17.73 -4.99
CA PRO C 923 -5.46 -17.84 -5.48
C PRO C 923 -6.44 -18.33 -4.40
N MET C 924 -6.28 -17.81 -3.19
CA MET C 924 -7.12 -18.20 -2.05
C MET C 924 -8.34 -17.30 -2.02
N LEU C 925 -9.48 -17.82 -2.48
CA LEU C 925 -10.72 -17.10 -2.47
C LEU C 925 -11.51 -17.44 -1.19
N ARG C 926 -12.75 -16.97 -1.12
CA ARG C 926 -13.61 -17.24 0.02
C ARG C 926 -15.06 -17.09 -0.40
N PHE C 927 -15.90 -18.01 0.09
CA PHE C 927 -17.33 -18.01 -0.22
C PHE C 927 -18.11 -17.51 0.98
N ASP C 928 -18.96 -16.51 0.75
CA ASP C 928 -19.81 -15.94 1.79
C ASP C 928 -21.23 -16.47 1.59
N TYR C 929 -21.65 -17.38 2.47
CA TYR C 929 -22.97 -17.97 2.39
C TYR C 929 -24.04 -16.99 2.84
N VAL C 930 -24.63 -16.27 1.89
CA VAL C 930 -25.65 -15.26 2.19
C VAL C 930 -26.65 -15.22 1.04
N PRO C 931 -27.91 -14.85 1.30
CA PRO C 931 -28.88 -14.76 0.20
C PRO C 931 -28.50 -13.66 -0.78
N SER C 932 -28.60 -13.99 -2.08
CA SER C 932 -28.18 -13.04 -3.11
C SER C 932 -29.16 -11.87 -3.21
N PHE C 933 -30.43 -12.16 -3.51
CA PHE C 933 -31.46 -11.15 -3.72
C PHE C 933 -31.02 -10.15 -4.80
N LEU C 934 -30.84 -10.68 -6.00
CA LEU C 934 -30.34 -9.92 -7.15
C LEU C 934 -31.38 -8.99 -7.75
N TYR C 935 -32.55 -8.85 -7.13
CA TYR C 935 -33.58 -7.96 -7.67
C TYR C 935 -33.09 -6.52 -7.69
N LYS C 936 -32.84 -5.95 -6.50
CA LYS C 936 -32.33 -4.58 -6.36
C LYS C 936 -33.24 -3.58 -7.10
N ILE C 937 -34.54 -3.82 -7.04
CA ILE C 937 -35.50 -2.95 -7.72
C ILE C 937 -36.87 -3.06 -7.05
#